data_7A03
#
_entry.id   7A03
#
_cell.length_a   93.095
_cell.length_b   110.266
_cell.length_c   113.871
_cell.angle_alpha   90.000
_cell.angle_beta   90.000
_cell.angle_gamma   90.000
#
_symmetry.space_group_name_H-M   'P 21 21 21'
#
loop_
_entity.id
_entity.type
_entity.pdbx_description
1 polymer 'M32 carboxypeptidase'
2 non-polymer GLYCEROL
3 non-polymer DI(HYDROXYETHYL)ETHER
4 non-polymer 'CITRIC ACID'
5 water water
#
_entity_poly.entity_id   1
_entity_poly.type   'polypeptide(L)'
_entity_poly.pdbx_seq_one_letter_code
;MPGSKSTAEQYAAYKQKMQKIADVRNAIAVLGWDQETYLPEKGAGFRGQQITTLSTIAHELFTAPELGSLLHELHHHPEL
DAVQQKNIALSLEDYDKNKKYPASLVAEISEATNQAYHAWIKARKANDYQVFEPALARMVELKRKETTVLGYEDHPYNAL
LNEYEKGANVDMLDTIFTEVKTALSPLLDDIAKQTPARRDFLHLHFDRDKQWQLGIDLLRQMGYDMSAGRQDISEHPFTT
SFNPLDVRVTTRIDENDFSNMTWSCIHEGGHALYEQGLPTEQYGLPCGEAASLGIHESQSRLWENNVGRSLNFWKFQYPR
IQALFPEQLGNVSLQEFYKAINHVQPSLIRTEADEITYHFHIMIRYEIEKGLIDGSISTKDLNKTWNDYYRQYLHVEVPN
DTQGVLQDIHWSHGSFGYFPTYSLGSFYAAQFFTTAQKQVPDLDVSIASGNYQPLLEWLRNNIHPFGRFYTSNELCQKIT
GNPLQFSYFLDYAAGKFLRG
;
_entity_poly.pdbx_strand_id   A,B
#
loop_
_chem_comp.id
_chem_comp.type
_chem_comp.name
_chem_comp.formula
CIT non-polymer 'CITRIC ACID' 'C6 H8 O7'
GOL non-polymer GLYCEROL 'C3 H8 O3'
PEG non-polymer DI(HYDROXYETHYL)ETHER 'C4 H10 O3'
#
# COMPACT_ATOMS: atom_id res chain seq x y z
N ALA A 8 34.60 8.93 9.20
CA ALA A 8 33.17 8.71 9.43
C ALA A 8 32.31 9.24 8.28
N GLU A 9 32.87 10.19 7.53
CA GLU A 9 32.15 10.78 6.41
C GLU A 9 31.86 9.74 5.34
N GLN A 10 32.86 8.89 5.06
CA GLN A 10 32.71 7.83 4.07
C GLN A 10 31.74 6.75 4.54
N TYR A 11 31.80 6.35 5.81
CA TYR A 11 30.82 5.39 6.29
C TYR A 11 29.41 5.99 6.23
N ALA A 12 29.28 7.28 6.55
CA ALA A 12 27.97 7.92 6.46
C ALA A 12 27.47 7.92 5.02
N ALA A 13 28.38 8.04 4.04
CA ALA A 13 27.94 8.00 2.65
C ALA A 13 27.48 6.60 2.26
N TYR A 14 28.19 5.58 2.76
CA TYR A 14 27.73 4.19 2.58
C TYR A 14 26.33 4.00 3.14
N LYS A 15 26.10 4.46 4.38
CA LYS A 15 24.80 4.31 5.01
C LYS A 15 23.71 5.05 4.24
N GLN A 16 24.02 6.25 3.74
CA GLN A 16 23.03 7.01 2.97
C GLN A 16 22.64 6.26 1.70
N LYS A 17 23.63 5.71 0.99
CA LYS A 17 23.32 4.98 -0.24
C LYS A 17 22.48 3.75 0.05
N MET A 18 22.87 2.99 1.09
CA MET A 18 22.15 1.76 1.41
C MET A 18 20.75 2.07 1.90
N GLN A 19 20.57 3.17 2.62
CA GLN A 19 19.25 3.47 3.13
C GLN A 19 18.32 3.94 2.02
N LYS A 20 18.87 4.63 1.01
CA LYS A 20 18.07 4.97 -0.18
C LYS A 20 17.61 3.71 -0.92
N ILE A 21 18.55 2.78 -1.12
CA ILE A 21 18.18 1.50 -1.75
C ILE A 21 17.09 0.81 -0.94
N ALA A 22 17.24 0.78 0.38
CA ALA A 22 16.26 0.12 1.22
C ALA A 22 14.90 0.81 1.14
N ASP A 23 14.89 2.15 1.02
CA ASP A 23 13.62 2.85 0.85
C ASP A 23 12.91 2.38 -0.41
N VAL A 24 13.65 2.26 -1.52
CA VAL A 24 13.02 1.75 -2.74
C VAL A 24 12.53 0.32 -2.55
N ARG A 25 13.34 -0.54 -1.93
CA ARG A 25 12.94 -1.94 -1.79
C ARG A 25 11.73 -2.09 -0.88
N ASN A 26 11.65 -1.25 0.16
CA ASN A 26 10.48 -1.31 1.02
C ASN A 26 9.25 -0.73 0.34
N ALA A 27 9.42 0.27 -0.55
CA ALA A 27 8.28 0.71 -1.35
C ALA A 27 7.76 -0.43 -2.22
N ILE A 28 8.68 -1.20 -2.81
CA ILE A 28 8.30 -2.39 -3.56
C ILE A 28 7.52 -3.35 -2.67
N ALA A 29 8.00 -3.55 -1.44
CA ALA A 29 7.27 -4.41 -0.49
C ALA A 29 5.86 -3.91 -0.20
N VAL A 30 5.67 -2.59 -0.08
CA VAL A 30 4.32 -2.05 0.12
C VAL A 30 3.43 -2.38 -1.07
N LEU A 31 3.95 -2.19 -2.28
CA LEU A 31 3.18 -2.50 -3.47
C LEU A 31 2.85 -3.99 -3.55
N GLY A 32 3.78 -4.85 -3.13
CA GLY A 32 3.49 -6.29 -3.17
C GLY A 32 2.52 -6.73 -2.10
N TRP A 33 2.57 -6.05 -0.94
CA TRP A 33 1.63 -6.35 0.13
C TRP A 33 0.22 -5.98 -0.30
N ASP A 34 0.10 -4.79 -0.92
CA ASP A 34 -1.22 -4.36 -1.40
C ASP A 34 -1.70 -5.27 -2.52
N GLN A 35 -0.77 -5.71 -3.37
CA GLN A 35 -1.10 -6.66 -4.44
C GLN A 35 -1.78 -7.90 -3.87
N GLU A 36 -1.33 -8.36 -2.70
CA GLU A 36 -1.93 -9.54 -2.10
C GLU A 36 -3.17 -9.26 -1.27
N THR A 37 -3.42 -8.01 -0.88
CA THR A 37 -4.48 -7.78 0.10
C THR A 37 -5.64 -6.97 -0.44
N TYR A 38 -5.38 -5.83 -1.09
CA TYR A 38 -6.44 -4.89 -1.42
C TYR A 38 -6.50 -4.50 -2.89
N LEU A 39 -5.55 -4.89 -3.70
CA LEU A 39 -5.49 -4.48 -5.10
C LEU A 39 -6.75 -4.90 -5.86
N PRO A 40 -7.46 -3.97 -6.51
CA PRO A 40 -8.57 -4.37 -7.38
C PRO A 40 -8.04 -5.12 -8.60
N GLU A 41 -8.86 -6.05 -9.10
CA GLU A 41 -8.40 -7.02 -10.09
C GLU A 41 -7.86 -6.33 -11.35
N LYS A 42 -8.58 -5.33 -11.84
CA LYS A 42 -8.19 -4.72 -13.10
C LYS A 42 -6.91 -3.90 -12.98
N GLY A 43 -6.42 -3.63 -11.76
CA GLY A 43 -5.20 -2.90 -11.54
C GLY A 43 -3.94 -3.74 -11.60
N ALA A 44 -4.09 -5.05 -11.78
CA ALA A 44 -2.94 -5.95 -11.67
C ALA A 44 -1.83 -5.58 -12.67
N GLY A 45 -2.20 -5.32 -13.93
CA GLY A 45 -1.18 -5.07 -14.93
C GLY A 45 -0.35 -3.84 -14.60
N PHE A 46 -1.02 -2.74 -14.22
CA PHE A 46 -0.24 -1.56 -13.94
C PHE A 46 0.59 -1.78 -12.69
N ARG A 47 0.05 -2.56 -11.73
CA ARG A 47 0.81 -2.78 -10.51
C ARG A 47 2.08 -3.55 -10.81
N GLY A 48 2.00 -4.53 -11.73
CA GLY A 48 3.20 -5.27 -12.08
C GLY A 48 4.23 -4.35 -12.72
N GLN A 49 3.76 -3.48 -13.60
CA GLN A 49 4.66 -2.56 -14.27
C GLN A 49 5.33 -1.67 -13.25
N GLN A 50 4.58 -1.22 -12.26
CA GLN A 50 5.15 -0.28 -11.31
C GLN A 50 6.20 -0.97 -10.45
N ILE A 51 5.92 -2.22 -10.06
CA ILE A 51 6.91 -2.96 -9.27
C ILE A 51 8.18 -3.14 -10.09
N THR A 52 8.03 -3.47 -11.39
CA THR A 52 9.20 -3.71 -12.22
C THR A 52 10.03 -2.44 -12.35
N THR A 53 9.36 -1.29 -12.50
CA THR A 53 10.12 -0.07 -12.65
C THR A 53 10.95 0.19 -11.39
N LEU A 54 10.33 0.00 -10.23
CA LEU A 54 11.05 0.26 -8.99
C LEU A 54 12.17 -0.76 -8.81
N SER A 55 11.93 -2.01 -9.20
CA SER A 55 12.95 -3.03 -9.03
C SER A 55 14.17 -2.69 -9.86
N THR A 56 13.92 -2.20 -11.09
CA THR A 56 15.04 -1.84 -11.95
C THR A 56 15.81 -0.70 -11.31
N ILE A 57 15.09 0.29 -10.76
CA ILE A 57 15.78 1.40 -10.13
C ILE A 57 16.62 0.90 -8.95
N ALA A 58 16.04 0.00 -8.13
CA ALA A 58 16.81 -0.48 -6.97
C ALA A 58 18.07 -1.16 -7.45
N HIS A 59 17.95 -1.93 -8.54
CA HIS A 59 19.10 -2.68 -9.00
C HIS A 59 20.16 -1.74 -9.54
N GLU A 60 19.72 -0.69 -10.24
CA GLU A 60 20.67 0.31 -10.71
C GLU A 60 21.43 0.90 -9.55
N LEU A 61 20.72 1.17 -8.44
CA LEU A 61 21.41 1.78 -7.31
C LEU A 61 22.39 0.79 -6.69
N PHE A 62 22.02 -0.47 -6.60
CA PHE A 62 22.91 -1.37 -5.89
C PHE A 62 24.07 -1.86 -6.74
N THR A 63 24.06 -1.60 -8.04
CA THR A 63 25.18 -1.94 -8.91
C THR A 63 26.00 -0.72 -9.28
N ALA A 64 25.71 0.44 -8.69
CA ALA A 64 26.34 1.68 -9.08
C ALA A 64 27.84 1.63 -8.82
N PRO A 65 28.66 2.08 -9.76
CA PRO A 65 30.12 2.07 -9.52
C PRO A 65 30.57 2.84 -8.29
N GLU A 66 29.89 3.95 -7.98
CA GLU A 66 30.28 4.76 -6.82
C GLU A 66 30.13 3.97 -5.53
N LEU A 67 29.09 3.15 -5.45
CA LEU A 67 28.93 2.29 -4.28
C LEU A 67 30.05 1.27 -4.18
N GLY A 68 30.45 0.67 -5.31
CA GLY A 68 31.56 -0.27 -5.27
C GLY A 68 32.85 0.38 -4.81
N SER A 69 33.14 1.58 -5.34
CA SER A 69 34.35 2.29 -4.92
C SER A 69 34.33 2.60 -3.43
N LEU A 70 33.19 3.05 -2.93
CA LEU A 70 33.04 3.33 -1.50
C LEU A 70 33.27 2.07 -0.66
N LEU A 71 32.67 0.96 -1.06
CA LEU A 71 32.83 -0.28 -0.28
C LEU A 71 34.29 -0.71 -0.26
N HIS A 72 34.97 -0.61 -1.41
CA HIS A 72 36.38 -0.99 -1.46
C HIS A 72 37.26 -0.05 -0.63
N GLU A 73 36.90 1.23 -0.54
CA GLU A 73 37.63 2.14 0.33
C GLU A 73 37.39 1.82 1.80
N LEU A 74 36.14 1.52 2.16
CA LEU A 74 35.81 1.25 3.55
C LEU A 74 36.35 -0.10 4.02
N HIS A 75 36.59 -1.04 3.10
CA HIS A 75 37.18 -2.32 3.48
C HIS A 75 38.54 -2.14 4.12
N HIS A 76 39.25 -1.05 3.80
CA HIS A 76 40.59 -0.80 4.34
C HIS A 76 40.59 0.17 5.52
N HIS A 77 39.46 0.33 6.21
CA HIS A 77 39.41 1.22 7.36
C HIS A 77 39.42 0.39 8.63
N PRO A 78 40.59 0.17 9.25
CA PRO A 78 40.61 -0.60 10.50
C PRO A 78 40.02 0.17 11.67
N GLU A 79 39.75 1.47 11.48
CA GLU A 79 39.14 2.31 12.51
C GLU A 79 37.74 1.85 12.88
N LEU A 80 36.98 1.34 11.91
CA LEU A 80 35.56 1.07 12.12
C LEU A 80 35.34 0.01 13.19
N ASP A 81 34.18 0.09 13.86
CA ASP A 81 33.82 -0.88 14.89
C ASP A 81 33.39 -2.20 14.25
N ALA A 82 33.08 -3.19 15.09
CA ALA A 82 32.83 -4.54 14.61
C ALA A 82 31.63 -4.58 13.70
N VAL A 83 30.55 -3.90 14.10
CA VAL A 83 29.33 -3.86 13.30
C VAL A 83 29.55 -3.14 11.97
N GLN A 84 30.24 -2.00 11.99
CA GLN A 84 30.51 -1.27 10.76
C GLN A 84 31.33 -2.13 9.79
N GLN A 85 32.38 -2.76 10.31
CA GLN A 85 33.24 -3.59 9.46
C GLN A 85 32.47 -4.76 8.89
N LYS A 86 31.59 -5.37 9.70
CA LYS A 86 30.80 -6.48 9.20
C LYS A 86 29.84 -6.00 8.11
N ASN A 87 29.18 -4.87 8.33
CA ASN A 87 28.32 -4.28 7.30
C ASN A 87 29.06 -4.08 5.99
N ILE A 88 30.24 -3.47 6.06
CA ILE A 88 31.03 -3.24 4.84
C ILE A 88 31.38 -4.57 4.18
N ALA A 89 31.83 -5.56 4.95
CA ALA A 89 32.26 -6.84 4.36
C ALA A 89 31.08 -7.56 3.69
N LEU A 90 29.94 -7.61 4.37
CA LEU A 90 28.79 -8.31 3.83
C LEU A 90 28.24 -7.57 2.61
N SER A 91 28.20 -6.24 2.68
CA SER A 91 27.70 -5.47 1.56
C SER A 91 28.61 -5.61 0.35
N LEU A 92 29.93 -5.70 0.59
CA LEU A 92 30.86 -5.94 -0.51
C LEU A 92 30.64 -7.32 -1.13
N GLU A 93 30.40 -8.35 -0.31
CA GLU A 93 30.06 -9.65 -0.86
C GLU A 93 28.79 -9.58 -1.71
N ASP A 94 27.72 -8.98 -1.15
CA ASP A 94 26.46 -8.79 -1.87
C ASP A 94 26.68 -8.06 -3.20
N TYR A 95 27.56 -7.06 -3.19
CA TYR A 95 27.80 -6.24 -4.37
C TYR A 95 28.57 -7.00 -5.43
N ASP A 96 29.61 -7.73 -5.03
CA ASP A 96 30.48 -8.40 -6.01
C ASP A 96 29.79 -9.58 -6.66
N LYS A 97 28.88 -10.24 -5.90
CA LYS A 97 28.10 -11.32 -6.49
C LYS A 97 27.52 -10.92 -7.84
N ASN A 98 26.87 -9.77 -7.91
CA ASN A 98 26.31 -9.29 -9.18
C ASN A 98 27.40 -9.11 -10.24
N LYS A 99 28.57 -8.65 -9.82
CA LYS A 99 29.62 -8.37 -10.80
C LYS A 99 30.22 -9.63 -11.39
N LYS A 100 29.96 -10.80 -10.79
CA LYS A 100 30.42 -12.04 -11.41
C LYS A 100 29.68 -12.38 -12.72
N TYR A 101 28.43 -11.96 -12.88
CA TYR A 101 27.58 -12.50 -13.96
C TYR A 101 27.82 -11.76 -15.27
N PRO A 102 28.00 -12.47 -16.38
CA PRO A 102 27.97 -11.80 -17.69
C PRO A 102 26.55 -11.37 -18.02
N ALA A 103 26.45 -10.24 -18.71
CA ALA A 103 25.13 -9.67 -19.04
C ALA A 103 24.29 -10.65 -19.85
N SER A 104 24.91 -11.40 -20.76
CA SER A 104 24.17 -12.35 -21.59
C SER A 104 23.52 -13.43 -20.75
N LEU A 105 24.23 -13.91 -19.72
CA LEU A 105 23.65 -14.92 -18.81
C LEU A 105 22.49 -14.35 -18.02
N VAL A 106 22.60 -13.11 -17.52
CA VAL A 106 21.48 -12.49 -16.81
C VAL A 106 20.25 -12.43 -17.72
N ALA A 107 20.45 -11.98 -18.96
CA ALA A 107 19.31 -11.89 -19.88
C ALA A 107 18.73 -13.27 -20.19
N GLU A 108 19.59 -14.26 -20.40
CA GLU A 108 19.12 -15.62 -20.68
C GLU A 108 18.32 -16.20 -19.52
N ILE A 109 18.80 -15.99 -18.29
CA ILE A 109 18.08 -16.46 -17.11
C ILE A 109 16.72 -15.79 -17.02
N SER A 110 16.65 -14.47 -17.29
CA SER A 110 15.37 -13.77 -17.26
C SER A 110 14.40 -14.33 -18.29
N GLU A 111 14.87 -14.53 -19.52
CA GLU A 111 14.01 -15.05 -20.58
C GLU A 111 13.51 -16.45 -20.23
N ALA A 112 14.42 -17.31 -19.75
CA ALA A 112 14.06 -18.67 -19.41
C ALA A 112 13.10 -18.72 -18.23
N THR A 113 13.21 -17.78 -17.29
CA THR A 113 12.25 -17.73 -16.19
C THR A 113 10.86 -17.34 -16.69
N ASN A 114 10.77 -16.36 -17.58
CA ASN A 114 9.47 -16.03 -18.18
C ASN A 114 8.85 -17.25 -18.85
N GLN A 115 9.66 -17.93 -19.66
CA GLN A 115 9.16 -19.10 -20.39
C GLN A 115 8.73 -20.20 -19.44
N ALA A 116 9.49 -20.41 -18.36
CA ALA A 116 9.15 -21.44 -17.39
C ALA A 116 7.85 -21.09 -16.65
N TYR A 117 7.63 -19.81 -16.35
CA TYR A 117 6.38 -19.39 -15.73
C TYR A 117 5.18 -19.78 -16.60
N HIS A 118 5.24 -19.40 -17.89
CA HIS A 118 4.13 -19.71 -18.78
C HIS A 118 3.96 -21.22 -18.97
N ALA A 119 5.08 -21.93 -19.12
CA ALA A 119 5.01 -23.38 -19.35
C ALA A 119 4.49 -24.11 -18.12
N TRP A 120 4.82 -23.63 -16.92
CA TRP A 120 4.35 -24.25 -15.70
C TRP A 120 2.84 -24.07 -15.56
N ILE A 121 2.34 -22.86 -15.85
CA ILE A 121 0.90 -22.64 -15.78
C ILE A 121 0.17 -23.58 -16.74
N LYS A 122 0.62 -23.63 -18.00
CA LYS A 122 -0.13 -24.46 -18.95
C LYS A 122 0.09 -25.96 -18.70
N ALA A 123 1.22 -26.34 -18.12
CA ALA A 123 1.44 -27.74 -17.76
C ALA A 123 0.50 -28.17 -16.64
N ARG A 124 0.39 -27.35 -15.60
CA ARG A 124 -0.57 -27.63 -14.54
C ARG A 124 -1.98 -27.74 -15.10
N LYS A 125 -2.35 -26.86 -16.04
CA LYS A 125 -3.73 -26.90 -16.52
C LYS A 125 -3.99 -28.10 -17.43
N ALA A 126 -2.97 -28.55 -18.17
CA ALA A 126 -3.07 -29.81 -18.91
C ALA A 126 -2.81 -31.03 -18.03
N ASN A 127 -2.33 -30.83 -16.80
CA ASN A 127 -1.95 -31.92 -15.89
C ASN A 127 -0.94 -32.87 -16.53
N ASP A 128 0.08 -32.30 -17.15
CA ASP A 128 1.09 -33.09 -17.86
C ASP A 128 2.44 -32.41 -17.71
N TYR A 129 3.37 -33.11 -17.07
CA TYR A 129 4.69 -32.55 -16.83
C TYR A 129 5.44 -32.30 -18.14
N GLN A 130 5.20 -33.13 -19.17
CA GLN A 130 5.92 -32.98 -20.42
C GLN A 130 5.67 -31.63 -21.07
N VAL A 131 4.57 -30.97 -20.74
CA VAL A 131 4.36 -29.59 -21.19
C VAL A 131 5.41 -28.66 -20.58
N PHE A 132 5.73 -28.89 -19.30
CA PHE A 132 6.72 -28.07 -18.60
C PHE A 132 8.15 -28.48 -18.92
N GLU A 133 8.35 -29.70 -19.42
CA GLU A 133 9.70 -30.25 -19.49
C GLU A 133 10.70 -29.42 -20.30
N PRO A 134 10.38 -28.90 -21.49
CA PRO A 134 11.40 -28.12 -22.22
C PRO A 134 11.86 -26.86 -21.47
N ALA A 135 10.92 -26.10 -20.91
CA ALA A 135 11.28 -24.93 -20.12
C ALA A 135 12.16 -25.31 -18.94
N LEU A 136 11.83 -26.42 -18.27
CA LEU A 136 12.63 -26.85 -17.13
C LEU A 136 14.02 -27.29 -17.57
N ALA A 137 14.13 -27.94 -18.73
CA ALA A 137 15.44 -28.32 -19.25
C ALA A 137 16.31 -27.10 -19.52
N ARG A 138 15.72 -26.08 -20.14
CA ARG A 138 16.42 -24.81 -20.37
C ARG A 138 16.87 -24.19 -19.04
N MET A 139 15.96 -24.12 -18.07
CA MET A 139 16.28 -23.57 -16.76
C MET A 139 17.47 -24.31 -16.13
N VAL A 140 17.44 -25.64 -16.17
CA VAL A 140 18.50 -26.43 -15.54
C VAL A 140 19.84 -26.18 -16.22
N GLU A 141 19.85 -26.13 -17.57
CA GLU A 141 21.08 -25.80 -18.29
C GLU A 141 21.66 -24.47 -17.83
N LEU A 142 20.79 -23.45 -17.74
CA LEU A 142 21.28 -22.13 -17.33
C LEU A 142 21.77 -22.15 -15.89
N LYS A 143 21.13 -22.95 -15.03
CA LYS A 143 21.54 -23.00 -13.63
C LYS A 143 22.91 -23.66 -13.49
N ARG A 144 23.21 -24.65 -14.33
CA ARG A 144 24.55 -25.24 -14.30
C ARG A 144 25.60 -24.22 -14.76
N LYS A 145 25.30 -23.48 -15.83
CA LYS A 145 26.17 -22.36 -16.21
C LYS A 145 26.38 -21.41 -15.03
N GLU A 146 25.31 -21.11 -14.31
CA GLU A 146 25.40 -20.21 -13.16
C GLU A 146 26.32 -20.78 -12.09
N THR A 147 26.27 -22.10 -11.86
CA THR A 147 27.20 -22.67 -10.89
C THR A 147 28.64 -22.40 -11.30
N THR A 148 28.94 -22.53 -12.59
CA THR A 148 30.32 -22.24 -13.01
C THR A 148 30.66 -20.75 -12.86
N VAL A 149 29.69 -19.86 -13.07
CA VAL A 149 29.93 -18.43 -12.90
C VAL A 149 30.16 -18.07 -11.43
N LEU A 150 29.37 -18.66 -10.52
CA LEU A 150 29.49 -18.33 -9.11
C LEU A 150 30.73 -18.94 -8.47
N GLY A 151 31.15 -20.10 -8.95
CA GLY A 151 32.23 -20.85 -8.35
C GLY A 151 31.75 -21.69 -7.18
N TYR A 152 32.56 -22.70 -6.84
CA TYR A 152 32.17 -23.65 -5.81
C TYR A 152 33.33 -24.61 -5.59
N GLU A 153 33.22 -25.36 -4.51
CA GLU A 153 34.10 -26.49 -4.26
C GLU A 153 33.28 -27.78 -4.16
N ASP A 154 33.88 -28.85 -4.66
CA ASP A 154 33.40 -30.23 -4.51
C ASP A 154 32.18 -30.59 -5.36
N HIS A 155 31.12 -29.78 -5.28
N HIS A 155 31.13 -29.77 -5.28
CA HIS A 155 29.88 -30.06 -5.98
CA HIS A 155 29.91 -30.07 -6.01
C HIS A 155 29.28 -28.77 -6.51
C HIS A 155 29.28 -28.77 -6.51
N PRO A 156 28.92 -28.71 -7.80
CA PRO A 156 28.37 -27.46 -8.35
C PRO A 156 27.12 -26.98 -7.65
N TYR A 157 26.27 -27.90 -7.18
CA TYR A 157 25.07 -27.51 -6.45
C TYR A 157 25.38 -26.65 -5.23
N ASN A 158 26.59 -26.75 -4.67
CA ASN A 158 26.97 -25.92 -3.53
C ASN A 158 26.88 -24.44 -3.87
N ALA A 159 27.09 -24.08 -5.14
CA ALA A 159 27.00 -22.68 -5.51
C ALA A 159 25.57 -22.17 -5.33
N LEU A 160 24.59 -23.01 -5.62
CA LEU A 160 23.19 -22.60 -5.50
C LEU A 160 22.71 -22.70 -4.06
N LEU A 161 23.06 -23.78 -3.36
CA LEU A 161 22.76 -23.88 -1.94
C LEU A 161 23.25 -22.65 -1.19
N ASN A 162 24.51 -22.24 -1.45
CA ASN A 162 25.09 -21.09 -0.78
C ASN A 162 24.31 -19.80 -1.06
N GLU A 163 23.71 -19.70 -2.24
CA GLU A 163 22.90 -18.53 -2.57
C GLU A 163 21.77 -18.34 -1.57
N TYR A 164 21.10 -19.44 -1.20
CA TYR A 164 19.89 -19.31 -0.40
C TYR A 164 20.14 -19.49 1.07
N GLU A 165 21.30 -20.03 1.44
CA GLU A 165 21.68 -20.22 2.83
C GLU A 165 23.20 -20.21 2.87
N LYS A 166 23.77 -19.07 3.24
CA LYS A 166 25.22 -18.94 3.27
C LYS A 166 25.82 -20.01 4.17
N GLY A 167 26.75 -20.77 3.60
CA GLY A 167 27.39 -21.85 4.31
C GLY A 167 26.87 -23.24 3.96
N ALA A 168 25.68 -23.33 3.37
CA ALA A 168 25.09 -24.65 3.12
C ALA A 168 25.83 -25.38 2.01
N ASN A 169 25.96 -26.70 2.15
CA ASN A 169 26.70 -27.47 1.16
C ASN A 169 26.25 -28.92 1.18
N VAL A 170 26.65 -29.65 0.13
CA VAL A 170 26.19 -31.02 -0.07
C VAL A 170 26.69 -31.96 1.01
N ASP A 171 27.90 -31.73 1.54
CA ASP A 171 28.40 -32.60 2.61
C ASP A 171 27.53 -32.48 3.85
N MET A 172 27.30 -31.24 4.28
CA MET A 172 26.48 -30.95 5.46
C MET A 172 25.05 -31.48 5.27
N LEU A 173 24.45 -31.20 4.12
CA LEU A 173 23.07 -31.58 3.88
C LEU A 173 22.92 -33.08 3.66
N ASP A 174 23.90 -33.73 3.03
CA ASP A 174 23.85 -35.18 2.90
C ASP A 174 23.83 -35.82 4.28
N THR A 175 24.68 -35.33 5.18
CA THR A 175 24.67 -35.86 6.54
C THR A 175 23.31 -35.67 7.21
N ILE A 176 22.78 -34.44 7.12
CA ILE A 176 21.49 -34.17 7.77
C ILE A 176 20.38 -35.04 7.17
N PHE A 177 20.32 -35.16 5.85
CA PHE A 177 19.20 -35.87 5.25
C PHE A 177 19.35 -37.38 5.39
N THR A 178 20.58 -37.89 5.48
CA THR A 178 20.75 -39.28 5.85
C THR A 178 20.21 -39.54 7.24
N GLU A 179 20.42 -38.59 8.16
CA GLU A 179 19.81 -38.71 9.49
C GLU A 179 18.29 -38.65 9.41
N VAL A 180 17.74 -37.73 8.62
CA VAL A 180 16.30 -37.68 8.41
C VAL A 180 15.78 -39.06 7.99
N LYS A 181 16.40 -39.64 6.97
CA LYS A 181 15.95 -40.95 6.50
C LYS A 181 16.05 -41.98 7.62
N THR A 182 17.25 -42.14 8.18
CA THR A 182 17.50 -43.29 9.04
C THR A 182 16.79 -43.17 10.38
N ALA A 183 16.43 -41.95 10.79
CA ALA A 183 15.77 -41.76 12.07
C ALA A 183 14.27 -41.58 11.95
N LEU A 184 13.79 -40.84 10.94
CA LEU A 184 12.36 -40.62 10.83
C LEU A 184 11.63 -41.75 10.10
N SER A 185 12.28 -42.53 9.23
CA SER A 185 11.58 -43.70 8.69
C SER A 185 11.13 -44.66 9.79
N PRO A 186 11.98 -45.06 10.74
CA PRO A 186 11.48 -45.94 11.81
C PRO A 186 10.39 -45.29 12.63
N LEU A 187 10.52 -43.97 12.88
CA LEU A 187 9.48 -43.27 13.61
C LEU A 187 8.15 -43.32 12.86
N LEU A 188 8.19 -43.17 11.53
CA LEU A 188 6.95 -43.28 10.74
C LEU A 188 6.38 -44.68 10.81
N ASP A 189 7.23 -45.72 10.81
CA ASP A 189 6.73 -47.08 10.96
C ASP A 189 6.04 -47.24 12.30
N ASP A 190 6.59 -46.64 13.35
CA ASP A 190 5.98 -46.75 14.68
C ASP A 190 4.63 -46.04 14.69
N ILE A 191 4.57 -44.85 14.07
CA ILE A 191 3.35 -44.05 14.09
C ILE A 191 2.24 -44.77 13.33
N ALA A 192 2.58 -45.42 12.22
CA ALA A 192 1.58 -46.10 11.41
C ALA A 192 0.88 -47.25 12.14
N LYS A 193 1.52 -47.85 13.15
CA LYS A 193 0.86 -48.90 13.94
C LYS A 193 -0.04 -48.35 15.03
N GLN A 194 0.00 -47.05 15.30
CA GLN A 194 -0.82 -46.49 16.37
C GLN A 194 -2.30 -46.55 16.01
N THR A 195 -3.13 -46.62 17.05
CA THR A 195 -4.58 -46.61 16.83
C THR A 195 -5.02 -45.23 16.35
N PRO A 196 -5.89 -45.16 15.34
CA PRO A 196 -6.34 -43.86 14.84
C PRO A 196 -7.02 -43.02 15.91
N ALA A 197 -6.74 -41.72 15.89
CA ALA A 197 -7.24 -40.77 16.86
C ALA A 197 -8.44 -40.02 16.29
N ARG A 198 -9.38 -39.75 17.21
N ARG A 198 -9.37 -39.60 17.15
CA ARG A 198 -10.43 -38.78 17.02
CA ARG A 198 -10.65 -39.03 16.67
C ARG A 198 -9.84 -37.44 16.64
C ARG A 198 -10.56 -38.05 15.49
N ARG A 199 -10.55 -36.74 15.78
CA ARG A 199 -10.01 -35.65 14.96
C ARG A 199 -11.05 -34.96 14.08
N ASP A 200 -12.20 -35.59 13.81
CA ASP A 200 -13.15 -34.95 12.91
C ASP A 200 -13.77 -33.68 13.50
N PHE A 201 -13.64 -33.46 14.82
CA PHE A 201 -14.07 -32.20 15.40
C PHE A 201 -13.33 -31.01 14.81
N LEU A 202 -12.14 -31.23 14.25
CA LEU A 202 -11.41 -30.10 13.65
C LEU A 202 -12.04 -29.66 12.35
N HIS A 203 -12.92 -30.47 11.76
CA HIS A 203 -13.59 -30.13 10.52
C HIS A 203 -15.06 -29.77 10.72
N LEU A 204 -15.45 -29.49 11.96
CA LEU A 204 -16.75 -28.89 12.24
C LEU A 204 -16.73 -27.42 11.81
N HIS A 205 -17.79 -26.68 12.11
CA HIS A 205 -17.91 -25.29 11.71
C HIS A 205 -17.37 -24.39 12.81
N PHE A 206 -16.35 -23.59 12.47
CA PHE A 206 -15.71 -22.68 13.41
C PHE A 206 -15.90 -21.24 12.93
N ASP A 207 -16.76 -20.51 13.64
CA ASP A 207 -17.16 -19.16 13.24
C ASP A 207 -15.98 -18.30 12.82
N ARG A 208 -16.12 -17.65 11.65
CA ARG A 208 -15.02 -16.91 11.06
C ARG A 208 -14.59 -15.74 11.93
N ASP A 209 -15.55 -14.99 12.47
CA ASP A 209 -15.19 -13.82 13.28
C ASP A 209 -14.51 -14.24 14.58
N LYS A 210 -14.96 -15.36 15.17
CA LYS A 210 -14.29 -15.89 16.35
C LYS A 210 -12.88 -16.35 16.01
N GLN A 211 -12.68 -17.01 14.87
CA GLN A 211 -11.32 -17.38 14.49
C GLN A 211 -10.44 -16.15 14.31
N TRP A 212 -10.97 -15.12 13.63
CA TRP A 212 -10.18 -13.92 13.39
C TRP A 212 -9.69 -13.33 14.70
N GLN A 213 -10.61 -13.16 15.67
CA GLN A 213 -10.23 -12.55 16.94
C GLN A 213 -9.29 -13.46 17.72
N LEU A 214 -9.45 -14.77 17.61
CA LEU A 214 -8.54 -15.70 18.27
C LEU A 214 -7.12 -15.50 17.81
N GLY A 215 -6.93 -15.37 16.49
CA GLY A 215 -5.58 -15.17 15.96
C GLY A 215 -4.98 -13.84 16.39
N ILE A 216 -5.79 -12.77 16.35
CA ILE A 216 -5.32 -11.49 16.88
C ILE A 216 -4.87 -11.61 18.33
N ASP A 217 -5.69 -12.28 19.16
CA ASP A 217 -5.37 -12.44 20.58
C ASP A 217 -4.07 -13.21 20.76
N LEU A 218 -3.90 -14.30 20.00
CA LEU A 218 -2.68 -15.09 20.13
C LEU A 218 -1.45 -14.28 19.73
N LEU A 219 -1.55 -13.50 18.65
CA LEU A 219 -0.42 -12.66 18.25
C LEU A 219 -0.09 -11.64 19.34
N ARG A 220 -1.12 -11.01 19.92
CA ARG A 220 -0.88 -10.09 21.04
C ARG A 220 -0.16 -10.80 22.18
N GLN A 221 -0.65 -11.99 22.55
CA GLN A 221 -0.05 -12.70 23.67
C GLN A 221 1.39 -13.11 23.38
N MET A 222 1.70 -13.40 22.11
CA MET A 222 3.08 -13.75 21.75
C MET A 222 4.02 -12.56 21.89
N GLY A 223 3.49 -11.34 21.76
CA GLY A 223 4.30 -10.14 21.85
C GLY A 223 4.34 -9.30 20.58
N TYR A 224 3.49 -9.62 19.60
CA TYR A 224 3.44 -8.85 18.37
C TYR A 224 2.94 -7.44 18.68
N ASP A 225 3.68 -6.43 18.22
CA ASP A 225 3.35 -5.04 18.52
C ASP A 225 2.40 -4.56 17.42
N MET A 226 1.12 -4.48 17.73
N MET A 226 1.11 -4.47 17.77
CA MET A 226 0.15 -4.08 16.72
CA MET A 226 0.06 -4.07 16.85
C MET A 226 0.00 -2.57 16.57
C MET A 226 0.08 -2.59 16.50
N SER A 227 0.88 -1.79 17.20
CA SER A 227 1.09 -0.40 16.78
C SER A 227 2.25 -0.30 15.79
N ALA A 228 2.93 -1.41 15.51
CA ALA A 228 4.03 -1.51 14.55
C ALA A 228 3.78 -2.64 13.57
N GLY A 229 2.50 -2.95 13.35
CA GLY A 229 2.11 -4.03 12.48
C GLY A 229 0.62 -4.13 12.45
N ARG A 230 0.14 -5.10 11.69
CA ARG A 230 -1.28 -5.36 11.52
C ARG A 230 -1.41 -6.67 10.77
N GLN A 231 -2.62 -7.24 10.85
CA GLN A 231 -2.96 -8.47 10.15
C GLN A 231 -4.08 -8.19 9.15
N ASP A 232 -3.99 -8.86 8.00
CA ASP A 232 -5.01 -8.81 6.95
C ASP A 232 -5.18 -10.22 6.39
N ILE A 233 -6.21 -10.40 5.60
CA ILE A 233 -6.46 -11.66 4.91
C ILE A 233 -5.74 -11.67 3.57
N SER A 234 -5.10 -12.78 3.24
CA SER A 234 -4.58 -12.99 1.89
C SER A 234 -4.72 -14.47 1.51
N GLU A 235 -4.44 -14.78 0.24
CA GLU A 235 -4.64 -16.15 -0.21
C GLU A 235 -3.62 -17.10 0.41
N HIS A 236 -2.39 -16.64 0.58
CA HIS A 236 -1.31 -17.44 1.15
C HIS A 236 -0.67 -16.63 2.27
N PRO A 237 -0.78 -17.09 3.51
CA PRO A 237 -0.21 -16.32 4.64
C PRO A 237 1.26 -15.99 4.43
N PHE A 238 1.64 -14.79 4.84
CA PHE A 238 3.02 -14.35 4.76
C PHE A 238 3.26 -13.23 5.77
N THR A 239 4.54 -12.91 5.94
CA THR A 239 5.00 -11.81 6.75
C THR A 239 5.84 -10.90 5.87
N THR A 240 5.65 -9.59 5.99
CA THR A 240 6.45 -8.62 5.25
C THR A 240 6.78 -7.45 6.15
N SER A 241 7.99 -6.96 6.06
N SER A 241 8.00 -6.96 6.02
CA SER A 241 8.42 -5.82 6.85
CA SER A 241 8.48 -5.83 6.79
C SER A 241 8.81 -4.67 5.92
C SER A 241 8.75 -4.67 5.84
N PHE A 242 8.28 -3.48 6.21
CA PHE A 242 8.65 -2.25 5.51
C PHE A 242 9.72 -1.48 6.26
N ASN A 243 10.07 -1.95 7.47
CA ASN A 243 11.00 -1.45 8.47
C ASN A 243 10.59 -2.15 9.77
N PRO A 244 11.42 -2.11 10.81
CA PRO A 244 11.06 -2.85 12.04
C PRO A 244 9.80 -2.32 12.74
N LEU A 245 9.35 -1.11 12.40
CA LEU A 245 8.15 -0.53 13.01
C LEU A 245 6.92 -0.70 12.12
N ASP A 246 7.01 -1.52 11.07
CA ASP A 246 5.85 -1.73 10.21
C ASP A 246 6.02 -3.12 9.60
N VAL A 247 5.61 -4.11 10.40
CA VAL A 247 5.78 -5.52 10.08
C VAL A 247 4.40 -6.14 10.02
N ARG A 248 3.97 -6.55 8.83
CA ARG A 248 2.60 -6.94 8.59
C ARG A 248 2.50 -8.43 8.30
N VAL A 249 1.43 -9.05 8.79
CA VAL A 249 1.18 -10.47 8.57
C VAL A 249 -0.15 -10.65 7.87
N THR A 250 -0.29 -11.76 7.16
CA THR A 250 -1.59 -12.15 6.63
C THR A 250 -1.94 -13.54 7.09
N THR A 251 -3.24 -13.84 7.05
CA THR A 251 -3.70 -15.17 7.38
C THR A 251 -4.86 -15.50 6.46
N ARG A 252 -5.34 -16.73 6.59
CA ARG A 252 -6.52 -17.17 5.86
C ARG A 252 -7.36 -18.00 6.83
N ILE A 253 -8.67 -17.91 6.68
CA ILE A 253 -9.59 -18.59 7.57
C ILE A 253 -10.38 -19.61 6.76
N ASP A 254 -10.45 -20.84 7.27
CA ASP A 254 -11.35 -21.88 6.76
C ASP A 254 -12.36 -22.14 7.87
N GLU A 255 -13.64 -21.80 7.63
CA GLU A 255 -14.64 -22.03 8.67
C GLU A 255 -14.91 -23.51 8.94
N ASN A 256 -14.45 -24.42 8.07
CA ASN A 256 -14.64 -25.84 8.27
C ASN A 256 -13.33 -26.59 8.49
N ASP A 257 -12.28 -25.90 8.90
CA ASP A 257 -11.02 -26.55 9.20
C ASP A 257 -10.28 -25.67 10.19
N PHE A 258 -10.40 -26.01 11.47
CA PHE A 258 -9.75 -25.24 12.51
C PHE A 258 -8.23 -25.34 12.45
N SER A 259 -7.69 -26.36 11.79
N SER A 259 -7.68 -26.37 11.77
CA SER A 259 -6.24 -26.54 11.75
CA SER A 259 -6.23 -26.54 11.71
C SER A 259 -5.54 -25.58 10.79
C SER A 259 -5.53 -25.41 10.96
N ASN A 260 -6.26 -24.64 10.17
CA ASN A 260 -5.63 -23.73 9.22
C ASN A 260 -5.18 -22.45 9.91
N MET A 261 -6.14 -21.60 10.27
CA MET A 261 -5.80 -20.23 10.62
C MET A 261 -4.92 -20.13 11.85
N THR A 262 -5.26 -20.87 12.92
CA THR A 262 -4.59 -20.65 14.20
C THR A 262 -3.08 -20.86 14.06
N TRP A 263 -2.70 -21.96 13.42
CA TRP A 263 -1.28 -22.25 13.26
C TRP A 263 -0.64 -21.40 12.17
N SER A 264 -1.38 -20.98 11.14
CA SER A 264 -0.83 -19.98 10.22
C SER A 264 -0.46 -18.71 10.98
N CYS A 265 -1.37 -18.25 11.85
CA CYS A 265 -1.15 -17.02 12.58
C CYS A 265 0.07 -17.15 13.49
N ILE A 266 0.20 -18.28 14.20
CA ILE A 266 1.36 -18.43 15.07
C ILE A 266 2.65 -18.48 14.27
N HIS A 267 2.61 -19.18 13.12
CA HIS A 267 3.77 -19.29 12.24
C HIS A 267 4.23 -17.91 11.77
N GLU A 268 3.29 -17.11 11.24
CA GLU A 268 3.64 -15.75 10.82
C GLU A 268 4.07 -14.89 11.99
N GLY A 269 3.40 -15.03 13.14
CA GLY A 269 3.85 -14.33 14.32
C GLY A 269 5.32 -14.54 14.59
N GLY A 270 5.79 -15.78 14.40
CA GLY A 270 7.21 -16.03 14.68
C GLY A 270 8.13 -15.24 13.77
N HIS A 271 7.78 -15.22 12.47
CA HIS A 271 8.50 -14.33 11.53
C HIS A 271 8.44 -12.87 11.99
N ALA A 272 7.24 -12.44 12.37
CA ALA A 272 7.01 -11.02 12.62
C ALA A 272 7.75 -10.56 13.87
N LEU A 273 7.83 -11.41 14.89
CA LEU A 273 8.55 -11.03 16.10
C LEU A 273 10.02 -10.84 15.79
N TYR A 274 10.57 -11.70 14.93
CA TYR A 274 11.95 -11.49 14.48
C TYR A 274 12.10 -10.13 13.80
N GLU A 275 11.26 -9.85 12.80
CA GLU A 275 11.38 -8.59 12.06
C GLU A 275 11.21 -7.38 12.98
N GLN A 276 10.32 -7.46 13.96
CA GLN A 276 10.12 -6.35 14.89
C GLN A 276 11.29 -6.21 15.86
N GLY A 277 12.15 -7.23 15.95
CA GLY A 277 13.33 -7.13 16.80
C GLY A 277 14.62 -6.70 16.14
N LEU A 278 14.64 -6.50 14.82
CA LEU A 278 15.83 -6.00 14.16
C LEU A 278 16.01 -4.51 14.47
N PRO A 279 17.26 -4.04 14.61
CA PRO A 279 17.46 -2.65 15.05
C PRO A 279 17.15 -1.63 13.97
N THR A 280 16.39 -0.59 14.35
CA THR A 280 16.06 0.47 13.41
C THR A 280 17.28 1.24 12.95
N GLU A 281 18.31 1.36 13.80
CA GLU A 281 19.51 2.09 13.42
C GLU A 281 20.30 1.38 12.33
N GLN A 282 20.04 0.09 12.11
CA GLN A 282 20.70 -0.70 11.08
C GLN A 282 19.85 -0.87 9.85
N TYR A 283 18.78 -0.09 9.72
CA TYR A 283 17.90 -0.14 8.57
C TYR A 283 18.72 -0.06 7.28
N GLY A 284 18.47 -1.01 6.37
CA GLY A 284 19.16 -1.01 5.09
C GLY A 284 20.53 -1.67 5.08
N LEU A 285 21.05 -2.08 6.23
CA LEU A 285 22.40 -2.60 6.35
C LEU A 285 22.37 -4.07 6.74
N PRO A 286 23.43 -4.82 6.43
CA PRO A 286 23.40 -6.27 6.72
C PRO A 286 23.08 -6.59 8.17
N CYS A 287 23.61 -5.80 9.12
CA CYS A 287 23.31 -6.05 10.52
C CYS A 287 21.91 -5.58 10.93
N GLY A 288 21.10 -5.11 9.98
CA GLY A 288 19.68 -4.86 10.23
C GLY A 288 18.74 -5.78 9.48
N GLU A 289 19.25 -6.84 8.83
CA GLU A 289 18.46 -7.80 8.07
C GLU A 289 18.49 -9.16 8.75
N ALA A 290 17.41 -9.94 8.56
CA ALA A 290 17.37 -11.29 9.08
C ALA A 290 18.62 -12.07 8.64
N ALA A 291 19.09 -12.97 9.52
CA ALA A 291 20.38 -13.63 9.31
C ALA A 291 20.38 -14.52 8.08
N SER A 292 19.26 -15.18 7.79
CA SER A 292 19.18 -16.10 6.65
C SER A 292 17.76 -16.62 6.59
N LEU A 293 17.42 -17.26 5.45
CA LEU A 293 16.10 -17.87 5.30
C LEU A 293 15.91 -18.98 6.32
N GLY A 294 16.95 -19.77 6.57
CA GLY A 294 16.85 -20.83 7.56
C GLY A 294 16.59 -20.31 8.96
N ILE A 295 17.29 -19.24 9.37
CA ILE A 295 17.04 -18.67 10.68
C ILE A 295 15.63 -18.06 10.74
N HIS A 296 15.19 -17.41 9.66
CA HIS A 296 13.83 -16.90 9.68
C HIS A 296 12.82 -18.03 9.85
N GLU A 297 13.03 -19.13 9.10
CA GLU A 297 12.13 -20.27 9.21
C GLU A 297 12.19 -20.90 10.61
N SER A 298 13.35 -20.85 11.27
CA SER A 298 13.43 -21.35 12.64
C SER A 298 12.50 -20.57 13.57
N GLN A 299 12.36 -19.28 13.32
CA GLN A 299 11.45 -18.49 14.17
C GLN A 299 9.99 -18.86 13.94
N SER A 300 9.59 -19.02 12.67
CA SER A 300 8.21 -19.45 12.41
C SER A 300 7.90 -20.83 12.98
N ARG A 301 8.83 -21.79 12.80
CA ARG A 301 8.57 -23.15 13.26
C ARG A 301 8.66 -23.27 14.78
N LEU A 302 9.56 -22.51 15.42
CA LEU A 302 9.67 -22.59 16.87
C LEU A 302 8.37 -22.19 17.51
N TRP A 303 7.76 -21.09 17.03
CA TRP A 303 6.48 -20.71 17.63
C TRP A 303 5.33 -21.61 17.18
N GLU A 304 5.30 -21.99 15.90
CA GLU A 304 4.17 -22.76 15.41
C GLU A 304 4.11 -24.14 16.06
N ASN A 305 5.27 -24.78 16.19
CA ASN A 305 5.34 -26.21 16.47
C ASN A 305 5.93 -26.51 17.84
N ASN A 306 7.20 -26.15 18.07
CA ASN A 306 7.82 -26.45 19.36
C ASN A 306 7.05 -25.82 20.52
N VAL A 307 6.45 -24.65 20.30
CA VAL A 307 5.51 -24.06 21.24
C VAL A 307 4.08 -24.43 20.86
N GLY A 308 3.66 -24.06 19.65
CA GLY A 308 2.25 -24.02 19.30
C GLY A 308 1.57 -25.36 19.16
N ARG A 309 2.32 -26.45 19.09
CA ARG A 309 1.71 -27.78 19.06
C ARG A 309 2.01 -28.58 20.32
N SER A 310 2.59 -27.94 21.32
CA SER A 310 3.05 -28.63 22.52
C SER A 310 1.93 -28.72 23.56
N LEU A 311 2.01 -29.76 24.39
CA LEU A 311 1.02 -29.95 25.43
C LEU A 311 1.03 -28.79 26.41
N ASN A 312 2.23 -28.29 26.78
CA ASN A 312 2.32 -27.18 27.72
C ASN A 312 1.59 -25.95 27.23
N PHE A 313 1.74 -25.61 25.94
CA PHE A 313 1.01 -24.47 25.38
C PHE A 313 -0.50 -24.67 25.54
N TRP A 314 -0.97 -25.87 25.23
CA TRP A 314 -2.40 -26.15 25.25
C TRP A 314 -2.98 -26.34 26.65
N LYS A 315 -2.15 -26.58 27.67
CA LYS A 315 -2.69 -26.62 29.03
C LYS A 315 -3.36 -25.30 29.38
N PHE A 316 -2.77 -24.18 28.96
CA PHE A 316 -3.38 -22.87 29.15
C PHE A 316 -4.36 -22.52 28.04
N GLN A 317 -4.00 -22.78 26.78
CA GLN A 317 -4.85 -22.29 25.70
C GLN A 317 -6.11 -23.14 25.48
N TYR A 318 -6.09 -24.44 25.78
CA TYR A 318 -7.24 -25.27 25.43
C TYR A 318 -8.53 -24.85 26.12
N PRO A 319 -8.57 -24.63 27.44
CA PRO A 319 -9.84 -24.20 28.04
C PRO A 319 -10.35 -22.90 27.43
N ARG A 320 -9.44 -22.02 27.02
CA ARG A 320 -9.86 -20.77 26.40
C ARG A 320 -10.53 -21.00 25.05
N ILE A 321 -9.93 -21.84 24.20
CA ILE A 321 -10.57 -22.07 22.90
C ILE A 321 -11.82 -22.94 23.05
N GLN A 322 -11.90 -23.76 24.10
CA GLN A 322 -13.14 -24.48 24.37
C GLN A 322 -14.24 -23.51 24.69
N ALA A 323 -13.94 -22.50 25.50
CA ALA A 323 -14.92 -21.47 25.82
C ALA A 323 -15.35 -20.72 24.56
N LEU A 324 -14.43 -20.54 23.62
CA LEU A 324 -14.76 -19.83 22.39
C LEU A 324 -15.62 -20.66 21.45
N PHE A 325 -15.39 -21.98 21.40
CA PHE A 325 -16.07 -22.88 20.46
C PHE A 325 -16.68 -24.07 21.21
N PRO A 326 -17.58 -23.81 22.16
CA PRO A 326 -18.04 -24.93 23.00
C PRO A 326 -18.86 -25.97 22.25
N GLU A 327 -19.58 -25.60 21.19
CA GLU A 327 -20.34 -26.59 20.44
C GLU A 327 -19.44 -27.51 19.64
N GLN A 328 -18.21 -27.09 19.35
CA GLN A 328 -17.29 -27.92 18.60
C GLN A 328 -16.30 -28.67 19.49
N LEU A 329 -15.93 -28.08 20.62
CA LEU A 329 -14.85 -28.62 21.43
C LEU A 329 -15.28 -28.96 22.85
N GLY A 330 -16.54 -28.69 23.22
CA GLY A 330 -16.94 -28.84 24.61
C GLY A 330 -16.96 -30.27 25.11
N ASN A 331 -17.07 -31.24 24.19
CA ASN A 331 -16.98 -32.66 24.53
C ASN A 331 -15.69 -33.29 24.02
N VAL A 332 -14.63 -32.50 23.81
CA VAL A 332 -13.33 -32.97 23.34
C VAL A 332 -12.29 -32.68 24.42
N SER A 333 -11.52 -33.69 24.82
CA SER A 333 -10.59 -33.48 25.93
C SER A 333 -9.29 -32.83 25.45
N LEU A 334 -8.52 -32.33 26.40
CA LEU A 334 -7.23 -31.74 26.06
C LEU A 334 -6.35 -32.74 25.31
N GLN A 335 -6.30 -33.99 25.78
CA GLN A 335 -5.48 -35.01 25.14
C GLN A 335 -5.96 -35.31 23.72
N GLU A 336 -7.28 -35.40 23.52
CA GLU A 336 -7.79 -35.64 22.17
C GLU A 336 -7.40 -34.50 21.22
N PHE A 337 -7.54 -33.26 21.70
CA PHE A 337 -7.19 -32.11 20.88
C PHE A 337 -5.70 -32.10 20.55
N TYR A 338 -4.86 -32.39 21.56
CA TYR A 338 -3.41 -32.41 21.38
C TYR A 338 -2.99 -33.46 20.35
N LYS A 339 -3.58 -34.65 20.45
CA LYS A 339 -3.27 -35.68 19.48
C LYS A 339 -3.76 -35.30 18.09
N ALA A 340 -4.92 -34.65 18.00
CA ALA A 340 -5.51 -34.33 16.71
C ALA A 340 -4.70 -33.26 15.97
N ILE A 341 -4.18 -32.28 16.71
CA ILE A 341 -3.36 -31.25 16.09
C ILE A 341 -1.94 -31.72 15.83
N ASN A 342 -1.58 -32.92 16.30
CA ASN A 342 -0.31 -33.53 15.94
C ASN A 342 -0.50 -34.82 15.12
N HIS A 343 -1.31 -34.77 14.08
CA HIS A 343 -1.60 -35.95 13.27
C HIS A 343 -0.53 -36.11 12.17
N VAL A 344 0.12 -37.26 12.16
CA VAL A 344 1.19 -37.55 11.20
C VAL A 344 0.66 -38.54 10.17
N GLN A 345 0.86 -38.21 8.88
CA GLN A 345 0.33 -39.02 7.81
C GLN A 345 1.13 -38.77 6.54
N PRO A 346 1.78 -39.79 5.97
CA PRO A 346 2.39 -39.63 4.65
C PRO A 346 1.36 -39.13 3.65
N SER A 347 1.74 -38.14 2.85
CA SER A 347 0.82 -37.51 1.93
C SER A 347 1.58 -36.96 0.72
N LEU A 348 0.83 -36.45 -0.24
CA LEU A 348 1.37 -36.09 -1.55
C LEU A 348 1.87 -34.66 -1.65
N ILE A 349 1.28 -33.73 -0.91
CA ILE A 349 1.50 -32.31 -1.08
C ILE A 349 2.35 -31.77 0.07
N ARG A 350 3.51 -31.23 -0.26
CA ARG A 350 4.44 -30.71 0.74
C ARG A 350 3.79 -29.66 1.64
N THR A 351 3.03 -28.72 1.05
CA THR A 351 2.49 -27.63 1.86
C THR A 351 1.41 -28.09 2.83
N GLU A 352 0.91 -29.32 2.70
CA GLU A 352 -0.09 -29.88 3.61
C GLU A 352 0.49 -30.89 4.59
N ALA A 353 1.79 -31.15 4.52
CA ALA A 353 2.38 -32.24 5.28
C ALA A 353 2.59 -31.88 6.74
N ASP A 354 2.44 -32.88 7.60
CA ASP A 354 2.77 -32.72 9.01
C ASP A 354 4.29 -32.53 9.18
N GLU A 355 4.68 -32.12 10.40
CA GLU A 355 6.07 -31.75 10.66
C GLU A 355 7.06 -32.92 10.60
N ILE A 356 6.59 -34.17 10.51
CA ILE A 356 7.53 -35.28 10.37
C ILE A 356 7.72 -35.57 8.89
N THR A 357 6.63 -35.93 8.21
CA THR A 357 6.75 -36.29 6.80
C THR A 357 7.21 -35.13 5.94
N TYR A 358 6.99 -33.88 6.38
CA TYR A 358 7.45 -32.72 5.62
C TYR A 358 8.89 -32.88 5.14
N HIS A 359 9.76 -33.41 6.00
CA HIS A 359 11.17 -33.44 5.69
C HIS A 359 11.51 -34.47 4.62
N PHE A 360 10.68 -35.49 4.44
CA PHE A 360 10.88 -36.35 3.28
C PHE A 360 10.61 -35.60 1.98
N HIS A 361 9.54 -34.78 1.97
CA HIS A 361 9.29 -33.92 0.81
C HIS A 361 10.53 -33.10 0.50
N ILE A 362 11.15 -32.53 1.54
CA ILE A 362 12.30 -31.68 1.27
C ILE A 362 13.45 -32.53 0.78
N MET A 363 13.63 -33.70 1.41
N MET A 363 13.64 -33.70 1.40
CA MET A 363 14.74 -34.55 1.03
CA MET A 363 14.75 -34.55 1.02
C MET A 363 14.64 -34.93 -0.44
C MET A 363 14.64 -34.94 -0.45
N ILE A 364 13.42 -35.24 -0.90
CA ILE A 364 13.27 -35.67 -2.28
C ILE A 364 13.66 -34.53 -3.21
N ARG A 365 13.21 -33.31 -2.89
CA ARG A 365 13.56 -32.17 -3.73
C ARG A 365 15.07 -31.95 -3.70
N TYR A 366 15.68 -32.13 -2.52
CA TYR A 366 17.11 -31.94 -2.43
C TYR A 366 17.82 -32.93 -3.33
N GLU A 367 17.44 -34.21 -3.26
CA GLU A 367 18.19 -35.19 -4.05
C GLU A 367 18.00 -34.92 -5.52
N ILE A 368 16.78 -34.55 -5.91
CA ILE A 368 16.52 -34.31 -7.32
C ILE A 368 17.30 -33.10 -7.78
N GLU A 369 17.29 -32.02 -6.99
CA GLU A 369 18.02 -30.84 -7.43
C GLU A 369 19.50 -31.15 -7.53
N LYS A 370 20.00 -31.94 -6.59
CA LYS A 370 21.43 -32.22 -6.57
C LYS A 370 21.80 -33.01 -7.82
N GLY A 371 20.91 -33.87 -8.29
CA GLY A 371 21.17 -34.64 -9.49
C GLY A 371 20.96 -33.82 -10.75
N LEU A 372 19.99 -32.90 -10.73
CA LEU A 372 19.78 -32.06 -11.91
C LEU A 372 20.98 -31.17 -12.15
N ILE A 373 21.58 -30.66 -11.08
CA ILE A 373 22.65 -29.68 -11.21
C ILE A 373 24.00 -30.35 -11.45
N ASP A 374 24.22 -31.56 -10.94
CA ASP A 374 25.46 -32.24 -11.24
C ASP A 374 25.42 -33.01 -12.56
N GLY A 375 24.25 -33.18 -13.16
CA GLY A 375 24.10 -33.87 -14.41
C GLY A 375 23.74 -35.33 -14.29
N SER A 376 23.62 -35.86 -13.07
CA SER A 376 23.35 -37.29 -12.91
C SER A 376 21.87 -37.62 -13.07
N ILE A 377 20.99 -36.64 -12.94
CA ILE A 377 19.56 -36.81 -13.16
C ILE A 377 19.16 -35.88 -14.30
N SER A 378 18.41 -36.40 -15.25
CA SER A 378 17.94 -35.60 -16.38
C SER A 378 16.51 -35.13 -16.12
N THR A 379 16.14 -34.06 -16.82
CA THR A 379 14.76 -33.57 -16.79
C THR A 379 13.82 -34.43 -17.63
N LYS A 380 14.36 -35.28 -18.51
CA LYS A 380 13.51 -36.18 -19.28
C LYS A 380 12.87 -37.18 -18.33
N ASP A 381 11.55 -37.26 -18.35
CA ASP A 381 10.81 -38.19 -17.50
C ASP A 381 11.06 -37.91 -16.01
N LEU A 382 11.16 -36.63 -15.66
CA LEU A 382 11.35 -36.29 -14.25
C LEU A 382 10.14 -36.66 -13.41
N ASN A 383 8.95 -36.70 -14.03
CA ASN A 383 7.76 -37.10 -13.27
C ASN A 383 7.90 -38.52 -12.76
N LYS A 384 8.45 -39.43 -13.57
CA LYS A 384 8.66 -40.80 -13.11
C LYS A 384 9.66 -40.85 -11.96
N THR A 385 10.75 -40.09 -12.07
CA THR A 385 11.75 -40.02 -11.00
C THR A 385 11.10 -39.55 -9.70
N TRP A 386 10.35 -38.45 -9.79
CA TRP A 386 9.63 -37.88 -8.66
C TRP A 386 8.71 -38.94 -8.04
N ASN A 387 7.89 -39.57 -8.86
CA ASN A 387 6.93 -40.54 -8.33
C ASN A 387 7.62 -41.71 -7.67
N ASP A 388 8.74 -42.18 -8.24
CA ASP A 388 9.50 -43.26 -7.60
C ASP A 388 10.04 -42.83 -6.25
N TYR A 389 10.58 -41.61 -6.15
CA TYR A 389 11.05 -41.10 -4.86
C TYR A 389 9.92 -41.08 -3.85
N TYR A 390 8.75 -40.57 -4.26
CA TYR A 390 7.63 -40.49 -3.34
C TYR A 390 7.18 -41.88 -2.88
N ARG A 391 7.14 -42.85 -3.78
CA ARG A 391 6.73 -44.18 -3.36
C ARG A 391 7.77 -44.80 -2.44
N GLN A 392 9.05 -44.65 -2.77
CA GLN A 392 10.10 -45.30 -1.99
C GLN A 392 10.14 -44.77 -0.57
N TYR A 393 10.09 -43.45 -0.40
CA TYR A 393 10.32 -42.86 0.92
C TYR A 393 9.05 -42.54 1.70
N LEU A 394 7.96 -42.18 1.02
CA LEU A 394 6.72 -41.85 1.73
C LEU A 394 5.63 -42.90 1.58
N HIS A 395 5.82 -43.91 0.72
CA HIS A 395 4.83 -44.97 0.52
C HIS A 395 3.49 -44.42 0.02
N VAL A 396 3.55 -43.43 -0.85
CA VAL A 396 2.37 -42.88 -1.51
C VAL A 396 2.56 -43.00 -3.02
N GLU A 397 1.44 -43.14 -3.72
CA GLU A 397 1.42 -43.39 -5.18
C GLU A 397 0.82 -42.17 -5.85
N VAL A 398 1.70 -41.34 -6.41
CA VAL A 398 1.31 -40.10 -7.09
C VAL A 398 0.31 -40.38 -8.21
N PRO A 399 -0.89 -39.77 -8.18
CA PRO A 399 -1.94 -40.13 -9.14
C PRO A 399 -1.91 -39.32 -10.43
N ASN A 400 -1.34 -38.11 -10.38
CA ASN A 400 -1.19 -37.27 -11.55
C ASN A 400 -0.10 -36.25 -11.26
N ASP A 401 0.26 -35.48 -12.30
CA ASP A 401 1.43 -34.60 -12.18
C ASP A 401 1.19 -33.39 -11.30
N THR A 402 -0.02 -32.85 -11.25
CA THR A 402 -0.26 -31.73 -10.33
C THR A 402 -0.17 -32.17 -8.87
N GLN A 403 -0.45 -33.44 -8.58
CA GLN A 403 -0.21 -34.00 -7.26
C GLN A 403 1.23 -34.46 -7.08
N GLY A 404 2.07 -34.33 -8.12
CA GLY A 404 3.44 -34.78 -8.09
C GLY A 404 4.42 -33.67 -8.41
N VAL A 405 5.14 -33.82 -9.52
CA VAL A 405 6.28 -32.97 -9.84
C VAL A 405 5.89 -31.52 -10.13
N LEU A 406 4.64 -31.25 -10.49
CA LEU A 406 4.23 -29.90 -10.82
C LEU A 406 3.62 -29.14 -9.65
N GLN A 407 3.74 -29.65 -8.41
CA GLN A 407 3.03 -29.01 -7.30
C GLN A 407 3.66 -27.69 -6.87
N ASP A 408 4.98 -27.59 -6.91
CA ASP A 408 5.69 -26.47 -6.31
C ASP A 408 6.22 -25.54 -7.39
N ILE A 409 6.11 -24.23 -7.14
CA ILE A 409 6.45 -23.21 -8.13
C ILE A 409 7.94 -22.91 -8.20
N HIS A 410 8.74 -23.41 -7.25
CA HIS A 410 10.08 -22.89 -7.04
C HIS A 410 10.93 -22.99 -8.30
N TRP A 411 10.87 -24.14 -8.98
CA TRP A 411 11.75 -24.36 -10.13
C TRP A 411 11.41 -23.42 -11.27
N SER A 412 10.11 -23.14 -11.48
CA SER A 412 9.73 -22.19 -12.52
C SER A 412 10.25 -20.79 -12.23
N HIS A 413 10.53 -20.47 -10.97
CA HIS A 413 11.08 -19.18 -10.59
C HIS A 413 12.60 -19.16 -10.67
N GLY A 414 13.23 -20.30 -10.95
CA GLY A 414 14.67 -20.41 -10.93
C GLY A 414 15.25 -20.59 -9.55
N SER A 415 14.42 -20.95 -8.56
CA SER A 415 14.85 -21.04 -7.17
C SER A 415 15.34 -22.45 -6.89
N PHE A 416 16.59 -22.70 -7.26
CA PHE A 416 17.29 -23.94 -6.99
C PHE A 416 18.21 -23.73 -5.80
N GLY A 417 18.22 -24.69 -4.87
CA GLY A 417 18.93 -24.54 -3.63
C GLY A 417 18.10 -23.95 -2.51
N TYR A 418 16.81 -23.70 -2.75
CA TYR A 418 15.91 -23.05 -1.81
C TYR A 418 15.29 -24.06 -0.84
N PHE A 419 14.79 -25.17 -1.37
CA PHE A 419 14.03 -26.10 -0.54
C PHE A 419 14.72 -26.52 0.76
N PRO A 420 16.03 -26.80 0.80
CA PRO A 420 16.62 -27.27 2.07
C PRO A 420 16.40 -26.31 3.23
N THR A 421 16.27 -25.00 2.95
CA THR A 421 16.12 -24.04 4.05
C THR A 421 14.89 -24.33 4.89
N TYR A 422 13.81 -24.87 4.29
CA TYR A 422 12.63 -25.19 5.10
C TYR A 422 13.00 -26.18 6.20
N SER A 423 13.69 -27.26 5.85
CA SER A 423 14.08 -28.24 6.85
C SER A 423 15.09 -27.66 7.80
N LEU A 424 16.03 -26.85 7.29
CA LEU A 424 17.00 -26.26 8.20
C LEU A 424 16.26 -25.43 9.25
N GLY A 425 15.23 -24.71 8.82
CA GLY A 425 14.48 -23.89 9.76
C GLY A 425 13.93 -24.76 10.87
N SER A 426 13.29 -25.87 10.48
CA SER A 426 12.68 -26.74 11.50
C SER A 426 13.72 -27.27 12.46
N PHE A 427 14.90 -27.63 11.93
CA PHE A 427 15.89 -28.26 12.80
C PHE A 427 16.52 -27.23 13.71
N TYR A 428 16.72 -26.01 13.19
CA TYR A 428 17.19 -24.95 14.07
C TYR A 428 16.16 -24.64 15.14
N ALA A 429 14.87 -24.70 14.75
CA ALA A 429 13.85 -24.37 15.74
C ALA A 429 13.93 -25.32 16.92
N ALA A 430 14.14 -26.61 16.64
CA ALA A 430 14.18 -27.58 17.72
C ALA A 430 15.41 -27.36 18.57
N GLN A 431 16.54 -27.09 17.91
CA GLN A 431 17.77 -26.90 18.67
C GLN A 431 17.67 -25.65 19.51
N PHE A 432 17.05 -24.60 18.96
CA PHE A 432 16.95 -23.37 19.73
C PHE A 432 15.98 -23.57 20.88
N PHE A 433 14.85 -24.26 20.65
CA PHE A 433 13.86 -24.30 21.72
C PHE A 433 14.33 -25.17 22.87
N THR A 434 14.91 -26.32 22.54
CA THR A 434 15.49 -27.17 23.58
C THR A 434 16.54 -26.39 24.36
N THR A 435 17.34 -25.58 23.66
CA THR A 435 18.36 -24.81 24.39
C THR A 435 17.69 -23.78 25.28
N ALA A 436 16.63 -23.13 24.77
CA ALA A 436 15.93 -22.17 25.62
C ALA A 436 15.37 -22.86 26.85
N GLN A 437 14.88 -24.10 26.71
CA GLN A 437 14.34 -24.80 27.87
C GLN A 437 15.40 -25.07 28.90
N LYS A 438 16.67 -25.20 28.47
CA LYS A 438 17.80 -25.36 29.38
C LYS A 438 18.19 -24.02 29.99
N GLN A 439 18.15 -22.93 29.21
CA GLN A 439 18.78 -21.70 29.64
C GLN A 439 17.85 -20.76 30.39
N VAL A 440 16.55 -20.89 30.20
CA VAL A 440 15.55 -20.03 30.82
C VAL A 440 14.86 -20.84 31.92
N PRO A 441 15.13 -20.55 33.19
CA PRO A 441 14.84 -21.54 34.25
C PRO A 441 13.39 -22.00 34.32
N ASP A 442 12.44 -21.08 34.26
CA ASP A 442 11.03 -21.41 34.41
C ASP A 442 10.28 -21.35 33.08
N LEU A 443 10.96 -21.69 31.97
CA LEU A 443 10.37 -21.50 30.65
C LEU A 443 9.10 -22.33 30.46
N ASP A 444 9.18 -23.64 30.77
CA ASP A 444 8.03 -24.51 30.55
C ASP A 444 6.86 -24.12 31.43
N VAL A 445 7.12 -23.81 32.70
CA VAL A 445 6.06 -23.36 33.58
C VAL A 445 5.42 -22.08 33.06
N SER A 446 6.25 -21.14 32.56
CA SER A 446 5.71 -19.89 32.03
C SER A 446 4.80 -20.16 30.85
N ILE A 447 5.26 -21.01 29.93
CA ILE A 447 4.43 -21.39 28.78
C ILE A 447 3.13 -22.03 29.23
N ALA A 448 3.20 -23.00 30.15
CA ALA A 448 2.01 -23.65 30.65
C ALA A 448 1.08 -22.71 31.40
N SER A 449 1.57 -21.55 31.84
CA SER A 449 0.74 -20.57 32.50
C SER A 449 0.33 -19.42 31.57
N GLY A 450 0.67 -19.48 30.29
CA GLY A 450 0.25 -18.48 29.33
C GLY A 450 1.17 -17.28 29.19
N ASN A 451 2.36 -17.31 29.77
CA ASN A 451 3.29 -16.19 29.69
C ASN A 451 4.37 -16.56 28.68
N TYR A 452 4.36 -15.93 27.51
CA TYR A 452 5.36 -16.14 26.47
C TYR A 452 6.47 -15.11 26.51
N GLN A 453 6.39 -14.16 27.44
CA GLN A 453 7.42 -13.13 27.53
C GLN A 453 8.82 -13.68 27.81
N PRO A 454 9.03 -14.65 28.71
CA PRO A 454 10.40 -15.16 28.88
C PRO A 454 11.00 -15.75 27.61
N LEU A 455 10.18 -16.41 26.80
CA LEU A 455 10.69 -16.95 25.53
C LEU A 455 11.04 -15.83 24.56
N LEU A 456 10.15 -14.83 24.44
CA LEU A 456 10.43 -13.72 23.53
C LEU A 456 11.68 -12.97 23.97
N GLU A 457 11.84 -12.75 25.28
CA GLU A 457 13.05 -12.12 25.79
C GLU A 457 14.29 -12.94 25.41
N TRP A 458 14.25 -14.26 25.57
CA TRP A 458 15.41 -15.06 25.18
C TRP A 458 15.73 -14.89 23.70
N LEU A 459 14.70 -14.92 22.85
CA LEU A 459 14.93 -14.71 21.42
C LEU A 459 15.48 -13.32 21.14
N ARG A 460 14.97 -12.31 21.85
CA ARG A 460 15.40 -10.94 21.61
C ARG A 460 16.81 -10.69 22.11
N ASN A 461 17.30 -11.49 23.07
CA ASN A 461 18.68 -11.39 23.52
C ASN A 461 19.65 -12.25 22.71
N ASN A 462 19.17 -13.33 22.10
CA ASN A 462 20.05 -14.29 21.45
C ASN A 462 20.02 -14.27 19.94
N ILE A 463 18.91 -13.86 19.31
CA ILE A 463 18.78 -13.99 17.85
C ILE A 463 18.43 -12.67 17.18
N HIS A 464 17.32 -12.06 17.61
CA HIS A 464 16.72 -10.97 16.84
C HIS A 464 17.62 -9.77 16.56
N PRO A 465 18.43 -9.26 17.50
CA PRO A 465 19.04 -7.95 17.28
C PRO A 465 20.33 -7.97 16.48
N PHE A 466 20.83 -9.14 16.11
CA PHE A 466 22.13 -9.23 15.45
C PHE A 466 22.06 -9.13 13.94
N GLY A 467 20.89 -9.18 13.34
CA GLY A 467 20.81 -9.17 11.90
C GLY A 467 21.68 -10.27 11.30
N ARG A 468 22.49 -9.90 10.32
CA ARG A 468 23.40 -10.83 9.64
C ARG A 468 24.79 -10.88 10.27
N PHE A 469 25.00 -10.29 11.45
CA PHE A 469 26.34 -10.24 12.02
C PHE A 469 26.98 -11.61 12.12
N TYR A 470 26.21 -12.60 12.58
CA TYR A 470 26.66 -13.99 12.64
C TYR A 470 26.03 -14.79 11.50
N THR A 471 26.81 -15.69 10.92
CA THR A 471 26.19 -16.65 10.01
C THR A 471 25.31 -17.62 10.83
N SER A 472 24.50 -18.40 10.11
CA SER A 472 23.61 -19.33 10.80
C SER A 472 24.42 -20.28 11.69
N ASN A 473 25.58 -20.74 11.20
CA ASN A 473 26.43 -21.63 11.97
C ASN A 473 27.00 -20.94 13.20
N GLU A 474 27.56 -19.75 13.02
CA GLU A 474 28.11 -19.02 14.16
C GLU A 474 27.03 -18.72 15.18
N LEU A 475 25.83 -18.37 14.71
CA LEU A 475 24.74 -18.07 15.62
C LEU A 475 24.38 -19.31 16.44
N CYS A 476 24.20 -20.44 15.75
CA CYS A 476 23.82 -21.66 16.44
C CYS A 476 24.91 -22.10 17.43
N GLN A 477 26.18 -21.99 17.05
CA GLN A 477 27.28 -22.34 17.94
C GLN A 477 27.34 -21.42 19.16
N LYS A 478 27.18 -20.12 18.94
CA LYS A 478 27.20 -19.16 20.04
C LYS A 478 26.07 -19.41 21.05
N ILE A 479 24.86 -19.69 20.55
CA ILE A 479 23.71 -19.84 21.44
C ILE A 479 23.69 -21.22 22.10
N THR A 480 23.95 -22.28 21.34
CA THR A 480 23.73 -23.64 21.81
C THR A 480 25.00 -24.41 22.16
N GLY A 481 26.17 -23.90 21.80
CA GLY A 481 27.38 -24.65 22.02
C GLY A 481 27.59 -25.79 21.04
N ASN A 482 26.84 -25.82 19.94
CA ASN A 482 26.93 -26.89 18.96
C ASN A 482 26.61 -26.34 17.59
N PRO A 483 27.15 -26.91 16.53
CA PRO A 483 26.60 -26.69 15.19
C PRO A 483 25.22 -27.32 15.11
N LEU A 484 24.53 -27.04 14.00
CA LEU A 484 23.21 -27.63 13.78
C LEU A 484 23.30 -29.15 13.84
N GLN A 485 22.50 -29.74 14.73
CA GLN A 485 22.47 -31.18 14.93
C GLN A 485 21.03 -31.64 14.86
N PHE A 486 20.73 -32.51 13.89
CA PHE A 486 19.40 -33.07 13.73
C PHE A 486 18.91 -33.78 14.98
N SER A 487 19.83 -34.25 15.84
CA SER A 487 19.43 -34.96 17.05
C SER A 487 18.43 -34.18 17.89
N TYR A 488 18.55 -32.85 17.92
CA TYR A 488 17.61 -32.06 18.70
C TYR A 488 16.19 -32.23 18.18
N PHE A 489 16.01 -32.10 16.85
CA PHE A 489 14.69 -32.33 16.27
C PHE A 489 14.22 -33.75 16.55
N LEU A 490 15.14 -34.73 16.45
CA LEU A 490 14.72 -36.11 16.67
C LEU A 490 14.19 -36.28 18.09
N ASP A 491 14.91 -35.76 19.09
CA ASP A 491 14.48 -35.95 20.47
C ASP A 491 13.15 -35.27 20.72
N TYR A 492 12.96 -34.09 20.13
CA TYR A 492 11.70 -33.38 20.26
C TYR A 492 10.55 -34.17 19.63
N ALA A 493 10.80 -34.74 18.45
CA ALA A 493 9.76 -35.47 17.71
C ALA A 493 9.45 -36.80 18.38
N ALA A 494 10.48 -37.56 18.74
CA ALA A 494 10.28 -38.81 19.45
C ALA A 494 9.56 -38.58 20.77
N GLY A 495 9.94 -37.52 21.51
CA GLY A 495 9.28 -37.26 22.78
C GLY A 495 7.80 -36.99 22.60
N LYS A 496 7.41 -36.34 21.51
CA LYS A 496 6.00 -36.08 21.29
C LYS A 496 5.26 -37.28 20.70
N PHE A 497 5.90 -38.07 19.84
CA PHE A 497 5.18 -39.08 19.06
C PHE A 497 5.33 -40.53 19.54
N LEU A 498 6.29 -40.84 20.42
CA LEU A 498 6.66 -42.23 20.66
C LEU A 498 6.38 -42.79 22.04
N ARG A 499 6.14 -41.95 23.04
CA ARG A 499 5.92 -42.44 24.39
C ARG A 499 4.57 -41.97 24.92
N GLY A 500 3.55 -42.03 24.07
CA GLY A 500 2.22 -41.57 24.44
C GLY A 500 2.04 -40.09 24.19
N SER B 6 12.31 11.25 -38.90
CA SER B 6 11.07 10.69 -38.36
C SER B 6 10.91 11.05 -36.89
N THR B 7 9.66 11.00 -36.41
CA THR B 7 9.35 11.30 -35.02
C THR B 7 8.97 10.06 -34.21
N ALA B 8 8.79 8.91 -34.86
CA ALA B 8 8.29 7.74 -34.14
C ALA B 8 9.21 7.37 -32.98
N GLU B 9 10.51 7.23 -33.25
CA GLU B 9 11.43 6.78 -32.21
C GLU B 9 11.56 7.81 -31.10
N GLN B 10 11.62 9.10 -31.44
CA GLN B 10 11.81 10.09 -30.39
C GLN B 10 10.55 10.25 -29.55
N TYR B 11 9.36 10.22 -30.18
CA TYR B 11 8.14 10.22 -29.37
C TYR B 11 8.04 8.99 -28.49
N ALA B 12 8.42 7.81 -29.02
CA ALA B 12 8.41 6.62 -28.20
C ALA B 12 9.37 6.75 -27.01
N ALA B 13 10.52 7.41 -27.22
CA ALA B 13 11.46 7.57 -26.12
C ALA B 13 10.91 8.52 -25.06
N TYR B 14 10.29 9.61 -25.51
CA TYR B 14 9.58 10.52 -24.59
C TYR B 14 8.55 9.76 -23.76
N LYS B 15 7.72 8.96 -24.44
CA LYS B 15 6.69 8.20 -23.75
C LYS B 15 7.30 7.23 -22.74
N GLN B 16 8.39 6.55 -23.12
CA GLN B 16 9.02 5.61 -22.20
C GLN B 16 9.48 6.33 -20.93
N LYS B 17 10.15 7.48 -21.10
CA LYS B 17 10.67 8.20 -19.94
C LYS B 17 9.53 8.70 -19.06
N MET B 18 8.46 9.19 -19.68
CA MET B 18 7.35 9.74 -18.90
C MET B 18 6.59 8.64 -18.16
N GLN B 19 6.48 7.47 -18.77
CA GLN B 19 5.77 6.37 -18.13
C GLN B 19 6.58 5.77 -16.99
N LYS B 20 7.91 5.73 -17.12
CA LYS B 20 8.74 5.34 -15.97
C LYS B 20 8.54 6.31 -14.81
N ILE B 21 8.54 7.62 -15.12
CA ILE B 21 8.32 8.62 -14.08
C ILE B 21 6.95 8.42 -13.43
N ALA B 22 5.92 8.19 -14.25
CA ALA B 22 4.58 7.96 -13.73
C ALA B 22 4.53 6.72 -12.85
N ASP B 23 5.29 5.68 -13.22
CA ASP B 23 5.32 4.49 -12.37
C ASP B 23 5.80 4.85 -10.97
N VAL B 24 6.87 5.66 -10.89
CA VAL B 24 7.36 6.11 -9.58
C VAL B 24 6.31 6.95 -8.85
N ARG B 25 5.72 7.91 -9.55
CA ARG B 25 4.76 8.79 -8.88
C ARG B 25 3.54 8.01 -8.39
N ASN B 26 3.13 6.99 -9.15
CA ASN B 26 2.00 6.17 -8.70
C ASN B 26 2.38 5.27 -7.54
N ALA B 27 3.63 4.80 -7.50
CA ALA B 27 4.09 4.11 -6.29
C ALA B 27 4.01 5.03 -5.08
N ILE B 28 4.41 6.30 -5.24
CA ILE B 28 4.24 7.29 -4.17
C ILE B 28 2.78 7.39 -3.75
N ALA B 29 1.87 7.45 -4.74
CA ALA B 29 0.44 7.48 -4.44
C ALA B 29 0.00 6.25 -3.62
N VAL B 30 0.54 5.06 -3.94
CA VAL B 30 0.16 3.87 -3.17
C VAL B 30 0.60 4.03 -1.72
N LEU B 31 1.83 4.52 -1.53
CA LEU B 31 2.34 4.70 -0.18
C LEU B 31 1.52 5.76 0.57
N GLY B 32 1.05 6.79 -0.13
CA GLY B 32 0.24 7.80 0.54
C GLY B 32 -1.16 7.32 0.89
N TRP B 33 -1.74 6.50 0.00
CA TRP B 33 -3.04 5.89 0.27
C TRP B 33 -2.96 4.99 1.51
N ASP B 34 -1.95 4.11 1.52
CA ASP B 34 -1.75 3.25 2.69
C ASP B 34 -1.53 4.08 3.95
N GLN B 35 -0.80 5.20 3.82
CA GLN B 35 -0.60 6.11 4.95
C GLN B 35 -1.93 6.54 5.58
N GLU B 36 -2.94 6.80 4.75
CA GLU B 36 -4.21 7.26 5.30
C GLU B 36 -5.15 6.14 5.77
N THR B 37 -4.92 4.90 5.33
CA THR B 37 -5.88 3.84 5.57
C THR B 37 -5.38 2.77 6.54
N TYR B 38 -4.19 2.20 6.30
CA TYR B 38 -3.80 0.99 7.02
C TYR B 38 -2.47 1.10 7.73
N LEU B 39 -1.73 2.19 7.57
CA LEU B 39 -0.40 2.32 8.14
C LEU B 39 -0.45 2.25 9.66
N PRO B 40 0.24 1.30 10.29
CA PRO B 40 0.34 1.31 11.75
C PRO B 40 1.06 2.56 12.23
N GLU B 41 0.62 3.10 13.37
CA GLU B 41 1.11 4.41 13.80
C GLU B 41 2.64 4.50 13.87
N LYS B 42 3.29 3.48 14.44
CA LYS B 42 4.73 3.60 14.64
C LYS B 42 5.52 3.62 13.34
N GLY B 43 4.90 3.28 12.21
CA GLY B 43 5.57 3.28 10.93
C GLY B 43 5.62 4.62 10.22
N ALA B 44 4.98 5.64 10.80
CA ALA B 44 4.88 6.92 10.09
C ALA B 44 6.24 7.48 9.65
N GLY B 45 7.23 7.48 10.55
CA GLY B 45 8.50 8.06 10.18
C GLY B 45 9.11 7.39 8.96
N PHE B 46 9.16 6.06 8.98
CA PHE B 46 9.80 5.39 7.85
C PHE B 46 8.99 5.62 6.59
N ARG B 47 7.66 5.67 6.72
CA ARG B 47 6.83 5.90 5.54
C ARG B 47 7.15 7.24 4.93
N GLY B 48 7.31 8.26 5.78
CA GLY B 48 7.62 9.59 5.25
C GLY B 48 8.95 9.58 4.52
N GLN B 49 9.94 8.88 5.10
CA GLN B 49 11.27 8.81 4.51
C GLN B 49 11.18 8.13 3.15
N GLN B 50 10.40 7.05 3.08
CA GLN B 50 10.34 6.32 1.82
C GLN B 50 9.68 7.18 0.75
N ILE B 51 8.64 7.93 1.13
CA ILE B 51 7.96 8.77 0.16
C ILE B 51 8.93 9.82 -0.35
N THR B 52 9.72 10.39 0.56
CA THR B 52 10.64 11.44 0.14
C THR B 52 11.68 10.86 -0.81
N THR B 53 12.15 9.64 -0.52
CA THR B 53 13.17 9.09 -1.38
C THR B 53 12.63 8.90 -2.78
N LEU B 54 11.38 8.38 -2.87
CA LEU B 54 10.79 8.19 -4.19
C LEU B 54 10.56 9.53 -4.87
N SER B 55 10.17 10.56 -4.08
N SER B 55 10.15 10.54 -4.09
CA SER B 55 9.86 11.84 -4.68
CA SER B 55 9.87 11.84 -4.69
C SER B 55 11.11 12.52 -5.21
C SER B 55 11.14 12.42 -5.30
N THR B 56 12.26 12.22 -4.63
CA THR B 56 13.50 12.74 -5.16
C THR B 56 13.86 12.03 -6.45
N ILE B 57 13.63 10.72 -6.49
CA ILE B 57 13.98 9.94 -7.66
C ILE B 57 13.14 10.42 -8.85
N ALA B 58 11.83 10.54 -8.66
CA ALA B 58 10.98 11.06 -9.71
C ALA B 58 11.45 12.45 -10.15
N HIS B 59 11.81 13.31 -9.20
CA HIS B 59 12.25 14.65 -9.57
C HIS B 59 13.49 14.58 -10.44
N GLU B 60 14.44 13.72 -10.05
CA GLU B 60 15.69 13.63 -10.79
C GLU B 60 15.42 13.12 -12.19
N LEU B 61 14.46 12.20 -12.31
CA LEU B 61 14.16 11.65 -13.62
C LEU B 61 13.55 12.74 -14.50
N PHE B 62 12.69 13.57 -13.92
CA PHE B 62 12.02 14.58 -14.72
C PHE B 62 12.92 15.77 -15.06
N THR B 63 14.05 15.92 -14.38
N THR B 63 14.05 15.93 -14.40
CA THR B 63 15.04 16.96 -14.66
CA THR B 63 14.99 16.98 -14.72
C THR B 63 16.10 16.51 -15.65
C THR B 63 16.12 16.51 -15.62
N ALA B 64 16.09 15.25 -16.05
CA ALA B 64 17.17 14.70 -16.85
C ALA B 64 17.34 15.49 -18.14
N PRO B 65 18.57 15.86 -18.52
CA PRO B 65 18.75 16.58 -19.79
C PRO B 65 18.21 15.87 -21.02
N GLU B 66 18.38 14.55 -21.16
CA GLU B 66 17.93 13.90 -22.39
C GLU B 66 16.42 13.99 -22.57
N LEU B 67 15.65 14.08 -21.47
CA LEU B 67 14.22 14.31 -21.61
C LEU B 67 13.96 15.67 -22.26
N GLY B 68 14.68 16.71 -21.80
CA GLY B 68 14.57 17.99 -22.46
C GLY B 68 14.98 17.94 -23.92
N SER B 69 16.02 17.18 -24.24
CA SER B 69 16.44 17.02 -25.63
C SER B 69 15.29 16.51 -26.48
N LEU B 70 14.61 15.47 -25.98
CA LEU B 70 13.47 14.92 -26.72
C LEU B 70 12.35 15.95 -26.85
N LEU B 71 12.04 16.67 -25.76
CA LEU B 71 10.94 17.63 -25.81
C LEU B 71 11.20 18.72 -26.84
N HIS B 72 12.42 19.25 -26.87
CA HIS B 72 12.75 20.30 -27.83
C HIS B 72 12.78 19.74 -29.24
N GLU B 73 13.25 18.50 -29.41
CA GLU B 73 13.28 17.91 -30.74
C GLU B 73 11.88 17.75 -31.31
N LEU B 74 10.94 17.36 -30.46
CA LEU B 74 9.58 17.07 -30.90
C LEU B 74 8.67 18.29 -30.92
N HIS B 75 9.06 19.38 -30.25
CA HIS B 75 8.19 20.54 -30.10
C HIS B 75 7.74 21.07 -31.45
N HIS B 76 6.42 21.22 -31.63
N HIS B 76 6.43 21.28 -31.60
CA HIS B 76 5.83 21.77 -32.85
CA HIS B 76 5.80 21.74 -32.84
C HIS B 76 6.23 20.98 -34.10
C HIS B 76 6.30 21.00 -34.08
N HIS B 77 6.34 19.65 -33.97
CA HIS B 77 6.75 18.84 -35.10
C HIS B 77 5.52 18.44 -35.92
N PRO B 78 5.54 18.66 -37.24
CA PRO B 78 4.33 18.44 -38.04
C PRO B 78 3.87 17.00 -38.09
N GLU B 79 4.78 16.03 -37.99
CA GLU B 79 4.40 14.63 -38.08
C GLU B 79 3.44 14.23 -36.97
N LEU B 80 3.55 14.86 -35.82
CA LEU B 80 2.76 14.46 -34.66
C LEU B 80 1.29 14.81 -34.85
N ASP B 81 0.41 13.98 -34.30
CA ASP B 81 -1.00 14.36 -34.30
C ASP B 81 -1.26 15.38 -33.20
N ALA B 82 -2.53 15.78 -33.05
CA ALA B 82 -2.86 16.87 -32.13
C ALA B 82 -2.54 16.50 -30.68
N VAL B 83 -2.88 15.27 -30.28
CA VAL B 83 -2.65 14.84 -28.91
C VAL B 83 -1.16 14.72 -28.63
N GLN B 84 -0.39 14.20 -29.58
CA GLN B 84 1.06 14.10 -29.39
C GLN B 84 1.68 15.48 -29.23
N GLN B 85 1.30 16.42 -30.11
CA GLN B 85 1.82 17.78 -30.01
C GLN B 85 1.44 18.41 -28.69
N LYS B 86 0.20 18.20 -28.24
CA LYS B 86 -0.22 18.76 -26.96
C LYS B 86 0.59 18.16 -25.82
N ASN B 87 0.81 16.84 -25.86
CA ASN B 87 1.59 16.20 -24.82
C ASN B 87 2.98 16.81 -24.75
N ILE B 88 3.61 16.99 -25.90
CA ILE B 88 4.96 17.56 -25.92
C ILE B 88 4.95 18.98 -25.38
N ALA B 89 4.01 19.82 -25.84
CA ALA B 89 4.00 21.21 -25.43
C ALA B 89 3.78 21.32 -23.92
N LEU B 90 2.84 20.55 -23.38
CA LEU B 90 2.56 20.65 -21.96
C LEU B 90 3.68 20.04 -21.13
N SER B 91 4.24 18.91 -21.57
CA SER B 91 5.40 18.36 -20.87
C SER B 91 6.58 19.34 -20.89
N LEU B 92 6.74 20.08 -21.98
CA LEU B 92 7.82 21.07 -22.02
C LEU B 92 7.57 22.19 -21.02
N GLU B 93 6.32 22.63 -20.91
CA GLU B 93 5.98 23.63 -19.89
C GLU B 93 6.30 23.10 -18.49
N ASP B 94 5.86 21.87 -18.18
CA ASP B 94 6.12 21.27 -16.87
C ASP B 94 7.62 21.14 -16.62
N TYR B 95 8.38 20.76 -17.66
CA TYR B 95 9.80 20.48 -17.52
C TYR B 95 10.58 21.77 -17.24
N ASP B 96 10.26 22.84 -17.99
CA ASP B 96 10.87 24.13 -17.73
C ASP B 96 10.50 24.67 -16.35
N LYS B 97 9.23 24.51 -15.95
CA LYS B 97 8.84 24.99 -14.63
C LYS B 97 9.66 24.29 -13.55
N ASN B 98 9.82 22.97 -13.65
CA ASN B 98 10.68 22.27 -12.71
C ASN B 98 12.08 22.86 -12.69
N LYS B 99 12.69 23.09 -13.86
CA LYS B 99 14.04 23.62 -13.82
C LYS B 99 14.14 25.11 -13.50
N LYS B 100 13.03 25.81 -13.26
CA LYS B 100 13.14 27.20 -12.86
C LYS B 100 13.67 27.37 -11.43
N TYR B 101 13.43 26.41 -10.55
CA TYR B 101 13.63 26.63 -9.12
C TYR B 101 15.07 26.40 -8.71
N PRO B 102 15.70 27.33 -7.99
CA PRO B 102 17.01 27.06 -7.39
C PRO B 102 16.85 26.07 -6.23
N ALA B 103 17.83 25.17 -6.11
CA ALA B 103 17.78 24.18 -5.04
C ALA B 103 17.70 24.82 -3.67
N SER B 104 18.38 25.96 -3.50
CA SER B 104 18.39 26.65 -2.22
C SER B 104 17.00 27.13 -1.85
N LEU B 105 16.29 27.76 -2.79
CA LEU B 105 14.93 28.20 -2.52
C LEU B 105 14.01 27.03 -2.22
N VAL B 106 14.19 25.91 -2.93
CA VAL B 106 13.38 24.72 -2.66
C VAL B 106 13.60 24.23 -1.23
N ALA B 107 14.86 24.17 -0.80
CA ALA B 107 15.15 23.74 0.57
C ALA B 107 14.62 24.74 1.60
N GLU B 108 14.75 26.05 1.32
CA GLU B 108 14.21 27.06 2.22
C GLU B 108 12.71 26.92 2.37
N ILE B 109 12.00 26.68 1.27
CA ILE B 109 10.56 26.50 1.33
C ILE B 109 10.20 25.24 2.10
N SER B 110 10.94 24.15 1.88
CA SER B 110 10.65 22.93 2.62
C SER B 110 10.83 23.15 4.12
N GLU B 111 11.92 23.81 4.52
CA GLU B 111 12.15 24.01 5.95
C GLU B 111 11.15 24.98 6.55
N ALA B 112 10.76 26.02 5.80
CA ALA B 112 9.75 26.95 6.31
C ALA B 112 8.39 26.28 6.41
N THR B 113 8.09 25.34 5.51
CA THR B 113 6.84 24.61 5.62
C THR B 113 6.82 23.71 6.86
N ASN B 114 7.93 23.00 7.10
CA ASN B 114 8.08 22.25 8.35
C ASN B 114 7.84 23.15 9.57
N GLN B 115 8.54 24.28 9.61
CA GLN B 115 8.43 25.15 10.78
C GLN B 115 7.02 25.73 10.90
N ALA B 116 6.39 26.08 9.78
CA ALA B 116 5.05 26.64 9.82
C ALA B 116 4.04 25.63 10.34
N TYR B 117 4.19 24.36 9.96
CA TYR B 117 3.31 23.34 10.50
C TYR B 117 3.47 23.20 12.01
N HIS B 118 4.73 23.15 12.49
CA HIS B 118 4.96 23.09 13.93
C HIS B 118 4.32 24.27 14.65
N ALA B 119 4.55 25.49 14.13
CA ALA B 119 3.99 26.68 14.75
C ALA B 119 2.47 26.70 14.69
N TRP B 120 1.89 26.15 13.62
CA TRP B 120 0.44 26.12 13.49
C TRP B 120 -0.17 25.23 14.55
N ILE B 121 0.38 24.02 14.71
CA ILE B 121 -0.09 23.11 15.75
C ILE B 121 0.02 23.77 17.12
N LYS B 122 1.18 24.37 17.41
CA LYS B 122 1.38 25.01 18.71
C LYS B 122 0.39 26.16 18.93
N ALA B 123 0.16 26.98 17.90
CA ALA B 123 -0.74 28.12 18.04
C ALA B 123 -2.18 27.67 18.24
N ARG B 124 -2.57 26.59 17.56
CA ARG B 124 -3.91 26.06 17.74
C ARG B 124 -4.09 25.54 19.17
N LYS B 125 -3.12 24.77 19.66
CA LYS B 125 -3.21 24.28 21.04
C LYS B 125 -3.25 25.44 22.03
N ALA B 126 -2.54 26.54 21.74
CA ALA B 126 -2.59 27.71 22.59
C ALA B 126 -3.76 28.63 22.28
N ASN B 127 -4.48 28.41 21.18
CA ASN B 127 -5.59 29.29 20.76
C ASN B 127 -5.12 30.74 20.63
N ASP B 128 -4.02 30.94 19.90
CA ASP B 128 -3.39 32.26 19.85
C ASP B 128 -2.64 32.36 18.51
N TYR B 129 -3.17 33.21 17.62
CA TYR B 129 -2.55 33.37 16.30
C TYR B 129 -1.11 33.86 16.39
N GLN B 130 -0.79 34.64 17.43
CA GLN B 130 0.55 35.24 17.47
C GLN B 130 1.66 34.22 17.61
N VAL B 131 1.34 33.02 18.11
CA VAL B 131 2.31 31.94 18.13
C VAL B 131 2.63 31.47 16.71
N PHE B 132 1.67 31.61 15.79
CA PHE B 132 1.86 31.22 14.40
C PHE B 132 2.42 32.35 13.55
N GLU B 133 2.22 33.60 13.97
CA GLU B 133 2.54 34.76 13.14
C GLU B 133 3.97 34.79 12.59
N PRO B 134 5.02 34.53 13.38
CA PRO B 134 6.37 34.59 12.80
C PRO B 134 6.62 33.56 11.70
N ALA B 135 6.18 32.31 11.91
CA ALA B 135 6.34 31.30 10.86
C ALA B 135 5.50 31.64 9.63
N LEU B 136 4.33 32.25 9.83
CA LEU B 136 3.55 32.69 8.68
C LEU B 136 4.24 33.82 7.94
N ALA B 137 4.85 34.76 8.66
CA ALA B 137 5.58 35.85 8.01
C ALA B 137 6.74 35.30 7.18
N ARG B 138 7.47 34.32 7.73
CA ARG B 138 8.55 33.68 6.98
C ARG B 138 8.01 32.99 5.72
N MET B 139 6.88 32.28 5.85
CA MET B 139 6.28 31.62 4.70
C MET B 139 5.90 32.63 3.63
N VAL B 140 5.24 33.73 4.02
CA VAL B 140 4.83 34.76 3.07
C VAL B 140 6.05 35.37 2.37
N GLU B 141 7.12 35.63 3.11
CA GLU B 141 8.35 36.14 2.48
C GLU B 141 8.86 35.19 1.41
N LEU B 142 8.93 33.90 1.74
CA LEU B 142 9.39 32.92 0.75
C LEU B 142 8.44 32.82 -0.43
N LYS B 143 7.13 32.94 -0.19
CA LYS B 143 6.17 32.87 -1.28
C LYS B 143 6.30 34.07 -2.22
N ARG B 144 6.62 35.24 -1.68
CA ARG B 144 6.87 36.38 -2.56
C ARG B 144 8.13 36.17 -3.40
N LYS B 145 9.18 35.61 -2.79
CA LYS B 145 10.35 35.25 -3.60
C LYS B 145 9.98 34.23 -4.68
N GLU B 146 9.09 33.28 -4.35
CA GLU B 146 8.65 32.31 -5.33
C GLU B 146 7.90 32.98 -6.48
N THR B 147 7.07 33.98 -6.17
CA THR B 147 6.42 34.72 -7.25
C THR B 147 7.44 35.38 -8.17
N THR B 148 8.53 35.89 -7.59
CA THR B 148 9.60 36.45 -8.43
C THR B 148 10.20 35.38 -9.33
N VAL B 149 10.41 34.18 -8.80
CA VAL B 149 11.03 33.11 -9.59
C VAL B 149 10.11 32.67 -10.73
N LEU B 150 8.84 32.43 -10.42
CA LEU B 150 7.90 31.93 -11.42
C LEU B 150 7.61 32.96 -12.50
N GLY B 151 7.68 34.24 -12.17
CA GLY B 151 7.29 35.28 -13.09
C GLY B 151 5.79 35.50 -13.12
N TYR B 152 5.36 36.72 -13.44
CA TYR B 152 3.95 37.09 -13.41
C TYR B 152 3.79 38.39 -14.17
N GLU B 153 2.53 38.82 -14.30
CA GLU B 153 2.18 40.14 -14.80
C GLU B 153 1.16 40.77 -13.85
N ASP B 154 1.28 42.09 -13.67
CA ASP B 154 0.33 42.91 -12.92
C ASP B 154 0.38 42.70 -11.40
N HIS B 155 0.26 41.45 -10.95
N HIS B 155 0.26 41.45 -10.95
CA HIS B 155 0.22 41.17 -9.53
CA HIS B 155 0.22 41.16 -9.53
C HIS B 155 1.03 39.91 -9.23
C HIS B 155 1.03 39.90 -9.22
N PRO B 156 1.96 39.96 -8.26
CA PRO B 156 2.73 38.75 -7.92
C PRO B 156 1.87 37.54 -7.60
N TYR B 157 0.71 37.76 -6.95
CA TYR B 157 -0.17 36.66 -6.57
C TYR B 157 -0.59 35.82 -7.78
N ASN B 158 -0.63 36.43 -8.97
CA ASN B 158 -0.99 35.68 -10.17
C ASN B 158 -0.09 34.47 -10.35
N ALA B 159 1.20 34.63 -10.04
CA ALA B 159 2.12 33.51 -10.17
C ALA B 159 1.65 32.31 -9.36
N LEU B 160 1.11 32.54 -8.16
CA LEU B 160 0.63 31.42 -7.38
C LEU B 160 -0.72 30.93 -7.87
N LEU B 161 -1.60 31.85 -8.29
CA LEU B 161 -2.90 31.41 -8.80
C LEU B 161 -2.71 30.50 -9.99
N ASN B 162 -1.83 30.90 -10.90
CA ASN B 162 -1.54 30.11 -12.09
C ASN B 162 -0.99 28.74 -11.73
N GLU B 163 -0.33 28.62 -10.58
CA GLU B 163 0.21 27.31 -10.22
C GLU B 163 -0.89 26.31 -9.92
N TYR B 164 -2.03 26.77 -9.40
CA TYR B 164 -3.06 25.81 -9.01
C TYR B 164 -4.21 25.74 -9.99
N GLU B 165 -4.34 26.72 -10.89
CA GLU B 165 -5.36 26.68 -11.92
C GLU B 165 -4.79 27.45 -13.10
N LYS B 166 -4.26 26.73 -14.09
CA LYS B 166 -3.63 27.38 -15.22
C LYS B 166 -4.60 28.38 -15.84
N GLY B 167 -4.18 29.64 -15.88
CA GLY B 167 -4.97 30.73 -16.41
C GLY B 167 -5.48 31.70 -15.37
N ALA B 168 -5.66 31.25 -14.13
CA ALA B 168 -6.33 32.06 -13.11
C ALA B 168 -5.49 33.29 -12.77
N ASN B 169 -6.18 34.41 -12.55
CA ASN B 169 -5.47 35.64 -12.24
C ASN B 169 -6.39 36.55 -11.43
N VAL B 170 -5.78 37.58 -10.86
CA VAL B 170 -6.50 38.51 -9.99
C VAL B 170 -7.62 39.25 -10.73
N ASP B 171 -7.42 39.57 -12.01
CA ASP B 171 -8.48 40.23 -12.78
C ASP B 171 -9.74 39.38 -12.82
N MET B 172 -9.59 38.15 -13.31
CA MET B 172 -10.70 37.21 -13.45
C MET B 172 -11.36 36.91 -12.10
N LEU B 173 -10.54 36.64 -11.07
CA LEU B 173 -11.11 36.28 -9.78
C LEU B 173 -11.73 37.48 -9.06
N ASP B 174 -11.14 38.68 -9.19
CA ASP B 174 -11.79 39.86 -8.65
C ASP B 174 -13.17 40.03 -9.26
N THR B 175 -13.27 39.84 -10.58
CA THR B 175 -14.58 39.93 -11.25
C THR B 175 -15.56 38.89 -10.68
N ILE B 176 -15.11 37.63 -10.59
CA ILE B 176 -16.01 36.58 -10.10
C ILE B 176 -16.44 36.86 -8.67
N PHE B 177 -15.49 37.20 -7.80
CA PHE B 177 -15.83 37.38 -6.39
C PHE B 177 -16.62 38.66 -6.15
N THR B 178 -16.47 39.67 -7.01
CA THR B 178 -17.40 40.80 -6.95
C THR B 178 -18.81 40.35 -7.28
N GLU B 179 -18.97 39.50 -8.31
CA GLU B 179 -20.29 38.91 -8.57
C GLU B 179 -20.79 38.15 -7.35
N VAL B 180 -19.89 37.41 -6.68
CA VAL B 180 -20.27 36.62 -5.51
C VAL B 180 -20.81 37.51 -4.41
N LYS B 181 -20.05 38.54 -4.03
CA LYS B 181 -20.52 39.48 -3.01
C LYS B 181 -21.90 40.00 -3.38
N THR B 182 -21.97 40.62 -4.57
CA THR B 182 -23.12 41.40 -4.97
C THR B 182 -24.38 40.56 -5.02
N ALA B 183 -24.26 39.31 -5.47
CA ALA B 183 -25.44 38.47 -5.68
C ALA B 183 -25.75 37.58 -4.48
N LEU B 184 -24.73 37.01 -3.82
CA LEU B 184 -25.02 36.05 -2.77
C LEU B 184 -25.47 36.73 -1.47
N SER B 185 -24.99 37.94 -1.15
CA SER B 185 -25.50 38.58 0.06
C SER B 185 -27.04 38.73 0.06
N PRO B 186 -27.66 39.33 -0.95
CA PRO B 186 -29.13 39.39 -0.96
C PRO B 186 -29.79 38.02 -1.05
N LEU B 187 -29.17 37.09 -1.79
CA LEU B 187 -29.73 35.77 -1.87
C LEU B 187 -29.81 35.11 -0.49
N LEU B 188 -28.77 35.29 0.32
CA LEU B 188 -28.79 34.71 1.67
C LEU B 188 -29.88 35.35 2.51
N ASP B 189 -30.07 36.68 2.38
CA ASP B 189 -31.20 37.29 3.09
C ASP B 189 -32.53 36.64 2.69
N ASP B 190 -32.71 36.36 1.38
CA ASP B 190 -33.93 35.70 0.92
C ASP B 190 -34.07 34.28 1.47
N ILE B 191 -32.97 33.53 1.48
CA ILE B 191 -33.01 32.15 1.96
C ILE B 191 -33.32 32.12 3.45
N ALA B 192 -32.85 33.13 4.20
CA ALA B 192 -33.06 33.16 5.64
C ALA B 192 -34.53 33.29 6.03
N LYS B 193 -35.39 33.76 5.13
CA LYS B 193 -36.82 33.82 5.43
C LYS B 193 -37.48 32.45 5.37
N GLN B 194 -36.83 31.44 4.80
CA GLN B 194 -37.48 30.17 4.58
C GLN B 194 -37.61 29.37 5.88
N THR B 195 -38.60 28.48 5.90
CA THR B 195 -38.86 27.64 7.05
C THR B 195 -38.00 26.39 6.97
N PRO B 196 -37.19 26.10 7.99
CA PRO B 196 -36.33 24.90 7.94
C PRO B 196 -37.15 23.66 8.29
N ALA B 197 -36.49 22.50 8.19
CA ALA B 197 -37.14 21.25 8.58
C ALA B 197 -37.43 21.26 10.07
N ARG B 198 -38.60 20.73 10.43
CA ARG B 198 -39.09 20.85 11.80
C ARG B 198 -38.29 20.01 12.79
N ARG B 199 -37.92 18.78 12.40
CA ARG B 199 -37.27 17.84 13.31
C ARG B 199 -35.82 17.61 12.89
N ASP B 200 -34.97 17.24 13.86
CA ASP B 200 -33.54 16.99 13.60
C ASP B 200 -33.26 15.51 13.38
N PHE B 201 -33.90 14.97 12.36
CA PHE B 201 -33.85 13.55 12.08
C PHE B 201 -32.50 13.09 11.55
N LEU B 202 -31.67 13.99 11.02
CA LEU B 202 -30.38 13.57 10.49
C LEU B 202 -29.39 13.23 11.59
N HIS B 203 -29.71 13.59 12.84
CA HIS B 203 -28.86 13.26 13.97
C HIS B 203 -29.41 12.13 14.81
N LEU B 204 -30.40 11.41 14.29
CA LEU B 204 -30.81 10.14 14.84
C LEU B 204 -29.71 9.11 14.59
N HIS B 205 -29.96 7.86 14.99
CA HIS B 205 -28.95 6.82 14.91
C HIS B 205 -29.12 6.04 13.61
N PHE B 206 -28.07 6.02 12.78
CA PHE B 206 -28.10 5.37 11.47
C PHE B 206 -27.02 4.30 11.46
N ASP B 207 -27.44 3.04 11.54
CA ASP B 207 -26.53 1.92 11.70
C ASP B 207 -25.35 1.98 10.74
N ARG B 208 -24.16 1.77 11.31
CA ARG B 208 -22.91 1.89 10.56
C ARG B 208 -22.90 0.98 9.34
N ASP B 209 -23.26 -0.30 9.50
CA ASP B 209 -23.18 -1.24 8.39
C ASP B 209 -24.16 -0.87 7.29
N LYS B 210 -25.37 -0.44 7.67
CA LYS B 210 -26.34 0.02 6.69
C LYS B 210 -25.83 1.23 5.92
N GLN B 211 -25.18 2.18 6.60
CA GLN B 211 -24.61 3.33 5.90
C GLN B 211 -23.50 2.90 4.94
N TRP B 212 -22.61 2.02 5.41
CA TRP B 212 -21.54 1.52 4.54
C TRP B 212 -22.14 0.92 3.26
N GLN B 213 -23.12 0.05 3.43
CA GLN B 213 -23.73 -0.60 2.26
C GLN B 213 -24.40 0.42 1.36
N LEU B 214 -25.07 1.41 1.95
CA LEU B 214 -25.73 2.42 1.13
C LEU B 214 -24.73 3.17 0.26
N GLY B 215 -23.58 3.55 0.84
CA GLY B 215 -22.59 4.28 0.06
C GLY B 215 -22.02 3.46 -1.08
N ILE B 216 -21.71 2.19 -0.81
CA ILE B 216 -21.27 1.31 -1.90
C ILE B 216 -22.32 1.21 -2.99
N ASP B 217 -23.59 1.00 -2.61
CA ASP B 217 -24.67 0.92 -3.58
C ASP B 217 -24.76 2.18 -4.43
N LEU B 218 -24.70 3.36 -3.79
CA LEU B 218 -24.79 4.60 -4.54
C LEU B 218 -23.62 4.74 -5.52
N LEU B 219 -22.41 4.41 -5.06
CA LEU B 219 -21.26 4.48 -5.96
C LEU B 219 -21.44 3.55 -7.16
N ARG B 220 -21.94 2.33 -6.92
CA ARG B 220 -22.18 1.41 -8.02
C ARG B 220 -23.19 1.98 -9.00
N GLN B 221 -24.30 2.52 -8.47
CA GLN B 221 -25.33 3.12 -9.32
C GLN B 221 -24.80 4.32 -10.11
N MET B 222 -23.88 5.09 -9.52
CA MET B 222 -23.29 6.20 -10.26
C MET B 222 -22.45 5.71 -11.43
N GLY B 223 -21.93 4.49 -11.35
CA GLY B 223 -21.10 3.94 -12.42
C GLY B 223 -19.66 3.69 -12.01
N TYR B 224 -19.34 3.80 -10.72
CA TYR B 224 -18.00 3.49 -10.23
C TYR B 224 -17.70 2.01 -10.45
N ASP B 225 -16.56 1.73 -11.07
CA ASP B 225 -16.17 0.36 -11.42
C ASP B 225 -15.40 -0.20 -10.23
N MET B 226 -16.05 -1.07 -9.46
CA MET B 226 -15.44 -1.64 -8.27
C MET B 226 -14.50 -2.80 -8.59
N SER B 227 -14.35 -3.18 -9.86
CA SER B 227 -13.23 -4.05 -10.24
C SER B 227 -11.98 -3.25 -10.57
N ALA B 228 -12.09 -1.93 -10.62
CA ALA B 228 -11.01 -0.99 -10.90
C ALA B 228 -10.91 0.06 -9.81
N GLY B 229 -11.28 -0.32 -8.59
CA GLY B 229 -11.25 0.62 -7.47
C GLY B 229 -11.82 -0.08 -6.26
N ARG B 230 -11.88 0.66 -5.15
CA ARG B 230 -12.40 0.13 -3.89
C ARG B 230 -12.63 1.31 -2.97
N GLN B 231 -13.42 1.09 -1.93
CA GLN B 231 -13.62 2.07 -0.88
C GLN B 231 -13.09 1.55 0.46
N ASP B 232 -12.47 2.45 1.22
CA ASP B 232 -12.00 2.22 2.57
C ASP B 232 -12.38 3.41 3.43
N ILE B 233 -12.16 3.28 4.74
CA ILE B 233 -12.39 4.35 5.70
C ILE B 233 -11.10 5.13 5.86
N SER B 234 -11.20 6.45 5.87
CA SER B 234 -10.10 7.27 6.36
C SER B 234 -10.67 8.49 7.08
N GLU B 235 -9.77 9.26 7.69
CA GLU B 235 -10.19 10.40 8.50
C GLU B 235 -10.76 11.52 7.64
N HIS B 236 -10.21 11.73 6.45
CA HIS B 236 -10.65 12.78 5.54
C HIS B 236 -10.92 12.14 4.20
N PRO B 237 -12.17 12.06 3.76
CA PRO B 237 -12.46 11.40 2.48
C PRO B 237 -11.64 11.98 1.34
N PHE B 238 -11.14 11.09 0.47
CA PHE B 238 -10.37 11.51 -0.69
C PHE B 238 -10.49 10.47 -1.79
N THR B 239 -10.02 10.85 -2.98
CA THR B 239 -9.88 9.95 -4.13
C THR B 239 -8.44 9.96 -4.60
N THR B 240 -7.93 8.78 -4.95
CA THR B 240 -6.58 8.70 -5.50
C THR B 240 -6.56 7.66 -6.61
N SER B 241 -5.73 7.88 -7.61
CA SER B 241 -5.60 6.93 -8.71
C SER B 241 -4.15 6.49 -8.84
N PHE B 242 -3.96 5.20 -9.04
CA PHE B 242 -2.65 4.67 -9.37
C PHE B 242 -2.49 4.40 -10.85
N ASN B 243 -3.56 4.63 -11.63
CA ASN B 243 -3.76 4.41 -13.06
C ASN B 243 -5.29 4.40 -13.20
N PRO B 244 -5.83 4.49 -14.43
CA PRO B 244 -7.30 4.54 -14.56
C PRO B 244 -8.02 3.27 -14.16
N LEU B 245 -7.30 2.15 -14.01
CA LEU B 245 -7.90 0.89 -13.57
C LEU B 245 -7.68 0.62 -12.09
N ASP B 246 -7.23 1.63 -11.32
CA ASP B 246 -7.08 1.43 -9.88
C ASP B 246 -7.28 2.80 -9.23
N VAL B 247 -8.56 3.14 -9.02
CA VAL B 247 -8.98 4.45 -8.57
C VAL B 247 -9.74 4.22 -7.29
N ARG B 248 -9.18 4.66 -6.17
CA ARG B 248 -9.66 4.29 -4.84
C ARG B 248 -10.24 5.50 -4.12
N VAL B 249 -11.30 5.24 -3.35
CA VAL B 249 -11.98 6.30 -2.61
C VAL B 249 -11.99 5.96 -1.13
N THR B 250 -12.10 6.98 -0.30
CA THR B 250 -12.35 6.78 1.11
C THR B 250 -13.58 7.58 1.55
N THR B 251 -14.15 7.15 2.67
CA THR B 251 -15.26 7.88 3.27
C THR B 251 -15.14 7.76 4.77
N ARG B 252 -16.05 8.41 5.49
CA ARG B 252 -16.13 8.28 6.93
C ARG B 252 -17.60 8.17 7.31
N ILE B 253 -17.87 7.48 8.41
CA ILE B 253 -19.24 7.23 8.84
C ILE B 253 -19.44 7.80 10.23
N ASP B 254 -20.48 8.62 10.39
CA ASP B 254 -20.93 9.06 11.71
C ASP B 254 -22.28 8.38 11.94
N GLU B 255 -22.33 7.44 12.92
CA GLU B 255 -23.55 6.71 13.18
C GLU B 255 -24.66 7.59 13.70
N ASN B 256 -24.35 8.82 14.11
CA ASN B 256 -25.37 9.75 14.58
C ASN B 256 -25.41 11.04 13.76
N ASP B 257 -24.98 10.98 12.49
CA ASP B 257 -25.06 12.16 11.62
C ASP B 257 -25.10 11.64 10.18
N PHE B 258 -26.31 11.50 9.67
CA PHE B 258 -26.50 10.99 8.32
C PHE B 258 -25.92 11.92 7.26
N SER B 259 -25.72 13.19 7.58
N SER B 259 -25.73 13.20 7.58
CA SER B 259 -25.25 14.13 6.57
CA SER B 259 -25.23 14.13 6.56
C SER B 259 -23.79 13.92 6.18
C SER B 259 -23.83 13.78 6.09
N ASN B 260 -23.05 13.05 6.89
CA ASN B 260 -21.62 12.90 6.62
C ASN B 260 -21.34 11.91 5.47
N MET B 261 -21.56 10.63 5.71
CA MET B 261 -21.06 9.61 4.79
C MET B 261 -21.66 9.75 3.39
N THR B 262 -22.99 9.86 3.30
CA THR B 262 -23.63 9.74 1.99
C THR B 262 -23.08 10.75 1.00
N TRP B 263 -22.97 12.02 1.43
CA TRP B 263 -22.49 13.06 0.53
C TRP B 263 -20.98 13.01 0.36
N SER B 264 -20.22 12.52 1.36
CA SER B 264 -18.80 12.28 1.10
C SER B 264 -18.62 11.23 0.01
N CYS B 265 -19.42 10.17 0.06
CA CYS B 265 -19.28 9.12 -0.95
C CYS B 265 -19.64 9.64 -2.32
N ILE B 266 -20.73 10.42 -2.43
CA ILE B 266 -21.10 10.92 -3.76
C ILE B 266 -20.03 11.87 -4.27
N HIS B 267 -19.50 12.73 -3.39
CA HIS B 267 -18.46 13.69 -3.76
C HIS B 267 -17.22 12.97 -4.29
N GLU B 268 -16.74 11.97 -3.55
CA GLU B 268 -15.59 11.21 -4.02
C GLU B 268 -15.91 10.44 -5.28
N GLY B 269 -17.13 9.90 -5.38
CA GLY B 269 -17.51 9.21 -6.60
C GLY B 269 -17.39 10.10 -7.81
N GLY B 270 -17.74 11.38 -7.67
CA GLY B 270 -17.56 12.31 -8.76
C GLY B 270 -16.10 12.42 -9.20
N HIS B 271 -15.18 12.52 -8.23
CA HIS B 271 -13.75 12.47 -8.59
C HIS B 271 -13.36 11.13 -9.25
N ALA B 272 -13.86 10.03 -8.71
CA ALA B 272 -13.43 8.71 -9.14
C ALA B 272 -13.90 8.39 -10.55
N LEU B 273 -15.14 8.79 -10.91
CA LEU B 273 -15.63 8.58 -12.26
C LEU B 273 -14.74 9.28 -13.28
N TYR B 274 -14.27 10.48 -12.95
CA TYR B 274 -13.37 11.20 -13.83
C TYR B 274 -12.07 10.43 -13.99
N GLU B 275 -11.46 10.03 -12.88
CA GLU B 275 -10.19 9.30 -12.98
C GLU B 275 -10.35 8.00 -13.76
N GLN B 276 -11.47 7.30 -13.59
CA GLN B 276 -11.71 6.05 -14.32
C GLN B 276 -12.00 6.27 -15.78
N GLY B 277 -12.32 7.52 -16.19
CA GLY B 277 -12.49 7.84 -17.59
C GLY B 277 -11.27 8.34 -18.33
N LEU B 278 -10.15 8.55 -17.67
CA LEU B 278 -8.96 8.99 -18.38
C LEU B 278 -8.38 7.81 -19.16
N PRO B 279 -7.80 8.06 -20.34
CA PRO B 279 -7.40 6.95 -21.22
C PRO B 279 -6.12 6.26 -20.76
N THR B 280 -6.17 4.93 -20.66
CA THR B 280 -4.98 4.19 -20.26
C THR B 280 -3.83 4.37 -21.25
N GLU B 281 -4.14 4.62 -22.53
CA GLU B 281 -3.08 4.79 -23.52
C GLU B 281 -2.28 6.05 -23.27
N GLN B 282 -2.83 7.00 -22.52
CA GLN B 282 -2.14 8.25 -22.22
C GLN B 282 -1.51 8.25 -20.84
N TYR B 283 -1.37 7.08 -20.22
CA TYR B 283 -0.76 6.96 -18.91
C TYR B 283 0.56 7.71 -18.86
N GLY B 284 0.69 8.57 -17.86
CA GLY B 284 1.91 9.33 -17.67
C GLY B 284 2.05 10.57 -18.52
N LEU B 285 1.13 10.83 -19.44
CA LEU B 285 1.23 11.96 -20.36
C LEU B 285 0.18 13.02 -20.02
N PRO B 286 0.39 14.28 -20.43
CA PRO B 286 -0.59 15.31 -20.05
C PRO B 286 -2.02 15.01 -20.46
N CYS B 287 -2.23 14.42 -21.64
CA CYS B 287 -3.58 14.07 -22.07
C CYS B 287 -4.13 12.84 -21.38
N GLY B 288 -3.39 12.27 -20.43
CA GLY B 288 -3.92 11.22 -19.58
C GLY B 288 -4.10 11.63 -18.14
N GLU B 289 -3.95 12.92 -17.81
CA GLU B 289 -4.08 13.50 -16.47
C GLU B 289 -5.29 14.41 -16.39
N ALA B 290 -5.91 14.46 -15.21
CA ALA B 290 -7.02 15.38 -15.02
C ALA B 290 -6.64 16.81 -15.38
N ALA B 291 -7.62 17.56 -15.89
CA ALA B 291 -7.34 18.85 -16.53
C ALA B 291 -6.80 19.87 -15.52
N SER B 292 -7.39 19.95 -14.34
CA SER B 292 -7.03 20.95 -13.35
C SER B 292 -7.75 20.60 -12.06
N LEU B 293 -7.28 21.20 -10.96
CA LEU B 293 -7.99 21.10 -9.70
C LEU B 293 -9.42 21.60 -9.82
N GLY B 294 -9.63 22.71 -10.55
CA GLY B 294 -10.96 23.25 -10.71
C GLY B 294 -11.91 22.32 -11.44
N ILE B 295 -11.44 21.70 -12.52
CA ILE B 295 -12.30 20.75 -13.24
C ILE B 295 -12.55 19.50 -12.38
N HIS B 296 -11.52 19.02 -11.67
CA HIS B 296 -11.75 17.88 -10.80
C HIS B 296 -12.79 18.21 -9.74
N GLU B 297 -12.65 19.39 -9.14
CA GLU B 297 -13.63 19.84 -8.16
C GLU B 297 -15.02 19.98 -8.77
N SER B 298 -15.10 20.41 -10.04
CA SER B 298 -16.38 20.46 -10.73
C SER B 298 -17.04 19.09 -10.79
N GLN B 299 -16.25 18.03 -10.88
CA GLN B 299 -16.83 16.68 -10.95
C GLN B 299 -17.37 16.23 -9.59
N SER B 300 -16.60 16.50 -8.54
CA SER B 300 -17.11 16.18 -7.20
C SER B 300 -18.36 16.99 -6.85
N ARG B 301 -18.36 18.29 -7.14
CA ARG B 301 -19.50 19.12 -6.78
C ARG B 301 -20.72 18.84 -7.65
N LEU B 302 -20.51 18.55 -8.94
CA LEU B 302 -21.68 18.26 -9.78
C LEU B 302 -22.43 17.05 -9.26
N TRP B 303 -21.70 15.99 -8.87
CA TRP B 303 -22.43 14.82 -8.38
C TRP B 303 -22.96 15.03 -6.97
N GLU B 304 -22.18 15.67 -6.09
CA GLU B 304 -22.61 15.82 -4.69
C GLU B 304 -23.81 16.73 -4.58
N ASN B 305 -23.80 17.85 -5.31
CA ASN B 305 -24.76 18.91 -5.07
C ASN B 305 -25.75 19.08 -6.21
N ASN B 306 -25.27 19.38 -7.43
CA ASN B 306 -26.21 19.63 -8.51
C ASN B 306 -27.09 18.42 -8.77
N VAL B 307 -26.55 17.22 -8.53
CA VAL B 307 -27.34 15.99 -8.54
C VAL B 307 -27.72 15.60 -7.12
N GLY B 308 -26.72 15.40 -6.26
CA GLY B 308 -26.87 14.72 -4.97
C GLY B 308 -27.66 15.45 -3.92
N ARG B 309 -27.93 16.75 -4.12
CA ARG B 309 -28.80 17.50 -3.21
C ARG B 309 -30.08 17.96 -3.89
N SER B 310 -30.35 17.45 -5.09
CA SER B 310 -31.48 17.90 -5.88
C SER B 310 -32.73 17.10 -5.56
N LEU B 311 -33.89 17.73 -5.77
CA LEU B 311 -35.16 17.04 -5.54
C LEU B 311 -35.31 15.83 -6.48
N ASN B 312 -34.92 15.97 -7.74
CA ASN B 312 -35.08 14.86 -8.67
C ASN B 312 -34.31 13.62 -8.23
N PHE B 313 -33.07 13.80 -7.77
CA PHE B 313 -32.30 12.66 -7.27
C PHE B 313 -33.04 11.99 -6.11
N TRP B 314 -33.56 12.79 -5.20
CA TRP B 314 -34.19 12.23 -4.02
C TRP B 314 -35.59 11.66 -4.26
N LYS B 315 -36.25 12.02 -5.36
CA LYS B 315 -37.52 11.37 -5.70
C LYS B 315 -37.34 9.86 -5.79
N PHE B 316 -36.25 9.42 -6.41
CA PHE B 316 -35.99 8.00 -6.50
C PHE B 316 -35.31 7.47 -5.25
N GLN B 317 -34.31 8.21 -4.73
CA GLN B 317 -33.50 7.63 -3.66
C GLN B 317 -34.19 7.66 -2.29
N TYR B 318 -35.06 8.65 -2.04
CA TYR B 318 -35.59 8.82 -0.69
C TYR B 318 -36.42 7.63 -0.23
N PRO B 319 -37.39 7.11 -1.01
CA PRO B 319 -38.09 5.91 -0.56
C PRO B 319 -37.15 4.75 -0.26
N ARG B 320 -36.06 4.65 -1.01
CA ARG B 320 -35.11 3.57 -0.78
C ARG B 320 -34.41 3.72 0.57
N ILE B 321 -33.96 4.94 0.90
CA ILE B 321 -33.31 5.10 2.20
C ILE B 321 -34.33 5.04 3.33
N GLN B 322 -35.60 5.39 3.07
CA GLN B 322 -36.64 5.18 4.08
C GLN B 322 -36.78 3.71 4.38
N ALA B 323 -36.76 2.86 3.34
CA ALA B 323 -36.84 1.42 3.56
C ALA B 323 -35.63 0.89 4.34
N LEU B 324 -34.46 1.51 4.13
CA LEU B 324 -33.26 1.12 4.89
C LEU B 324 -33.33 1.57 6.35
N PHE B 325 -33.89 2.76 6.61
CA PHE B 325 -33.91 3.36 7.94
C PHE B 325 -35.34 3.73 8.34
N PRO B 326 -36.23 2.76 8.44
CA PRO B 326 -37.64 3.09 8.69
C PRO B 326 -37.92 3.77 10.02
N GLU B 327 -37.19 3.43 11.07
CA GLU B 327 -37.47 4.04 12.37
C GLU B 327 -37.07 5.50 12.38
N GLN B 328 -36.00 5.85 11.67
CA GLN B 328 -35.48 7.20 11.62
C GLN B 328 -36.17 8.06 10.57
N LEU B 329 -36.57 7.48 9.45
CA LEU B 329 -37.04 8.27 8.33
C LEU B 329 -38.44 7.90 7.84
N GLY B 330 -39.05 6.86 8.40
CA GLY B 330 -40.38 6.48 7.96
C GLY B 330 -41.44 7.55 8.18
N ASN B 331 -41.22 8.44 9.14
CA ASN B 331 -42.16 9.51 9.44
C ASN B 331 -41.62 10.88 9.04
N VAL B 332 -40.71 10.92 8.06
CA VAL B 332 -40.10 12.15 7.58
C VAL B 332 -40.43 12.23 6.10
N SER B 333 -41.00 13.36 5.68
CA SER B 333 -41.42 13.43 4.29
C SER B 333 -40.23 13.79 3.40
N LEU B 334 -40.42 13.56 2.10
CA LEU B 334 -39.44 13.95 1.11
C LEU B 334 -39.11 15.44 1.22
N GLN B 335 -40.14 16.28 1.39
CA GLN B 335 -39.87 17.73 1.42
C GLN B 335 -39.08 18.14 2.67
N GLU B 336 -39.39 17.54 3.82
CA GLU B 336 -38.59 17.82 5.01
C GLU B 336 -37.14 17.38 4.84
N PHE B 337 -36.94 16.19 4.26
CA PHE B 337 -35.58 15.70 4.03
C PHE B 337 -34.82 16.62 3.09
N TYR B 338 -35.46 17.01 2.00
CA TYR B 338 -34.82 17.91 1.01
C TYR B 338 -34.42 19.24 1.65
N LYS B 339 -35.29 19.79 2.49
CA LYS B 339 -34.91 20.99 3.24
C LYS B 339 -33.71 20.73 4.13
N ALA B 340 -33.72 19.60 4.84
CA ALA B 340 -32.68 19.37 5.84
C ALA B 340 -31.31 19.19 5.20
N ILE B 341 -31.25 18.58 4.02
CA ILE B 341 -29.97 18.37 3.34
C ILE B 341 -29.55 19.60 2.55
N ASN B 342 -30.40 20.62 2.52
CA ASN B 342 -30.07 21.91 1.93
C ASN B 342 -30.22 23.06 2.91
N HIS B 343 -29.69 22.92 4.12
CA HIS B 343 -29.84 23.94 5.13
C HIS B 343 -28.70 24.94 5.02
N VAL B 344 -29.05 26.22 4.84
CA VAL B 344 -28.10 27.31 4.61
C VAL B 344 -27.99 28.13 5.89
N GLN B 345 -26.76 28.43 6.30
CA GLN B 345 -26.59 29.22 7.53
C GLN B 345 -25.19 29.85 7.55
N PRO B 346 -25.07 31.17 7.62
CA PRO B 346 -23.73 31.76 7.79
C PRO B 346 -23.07 31.25 9.06
N SER B 347 -21.79 30.89 8.96
CA SER B 347 -21.14 30.20 10.07
C SER B 347 -19.62 30.37 9.99
N LEU B 348 -18.94 29.89 11.02
CA LEU B 348 -17.52 30.18 11.24
C LEU B 348 -16.58 29.27 10.45
N ILE B 349 -16.94 28.02 10.24
CA ILE B 349 -16.00 26.99 9.80
C ILE B 349 -16.27 26.62 8.35
N ARG B 350 -15.30 26.91 7.48
CA ARG B 350 -15.48 26.68 6.04
C ARG B 350 -15.87 25.24 5.72
N THR B 351 -15.18 24.27 6.31
CA THR B 351 -15.45 22.88 5.95
C THR B 351 -16.85 22.42 6.36
N GLU B 352 -17.52 23.14 7.24
CA GLU B 352 -18.89 22.83 7.66
C GLU B 352 -19.94 23.67 6.94
N ALA B 353 -19.54 24.57 6.03
CA ALA B 353 -20.47 25.52 5.45
C ALA B 353 -21.33 24.88 4.37
N ASP B 354 -22.56 25.36 4.25
CA ASP B 354 -23.43 24.98 3.16
C ASP B 354 -22.91 25.54 1.85
N GLU B 355 -23.53 25.10 0.75
CA GLU B 355 -23.00 25.36 -0.60
C GLU B 355 -23.09 26.83 -1.03
N ILE B 356 -23.87 27.66 -0.34
CA ILE B 356 -23.96 29.07 -0.68
C ILE B 356 -22.93 29.83 0.12
N THR B 357 -22.99 29.72 1.46
CA THR B 357 -22.09 30.51 2.29
C THR B 357 -20.64 30.10 2.09
N TYR B 358 -20.40 28.86 1.65
CA TYR B 358 -19.04 28.38 1.42
C TYR B 358 -18.20 29.39 0.65
N HIS B 359 -18.83 30.06 -0.34
CA HIS B 359 -18.04 30.90 -1.24
C HIS B 359 -17.60 32.20 -0.58
N PHE B 360 -18.31 32.66 0.45
CA PHE B 360 -17.79 33.77 1.21
C PHE B 360 -16.51 33.37 1.93
N HIS B 361 -16.48 32.17 2.51
CA HIS B 361 -15.25 31.68 3.13
C HIS B 361 -14.12 31.74 2.10
N ILE B 362 -14.39 31.25 0.88
CA ILE B 362 -13.34 31.22 -0.12
C ILE B 362 -12.91 32.64 -0.47
N MET B 363 -13.88 33.52 -0.62
N MET B 363 -13.90 33.52 -0.63
CA MET B 363 -13.56 34.88 -1.01
CA MET B 363 -13.61 34.90 -1.00
C MET B 363 -12.68 35.54 0.04
C MET B 363 -12.69 35.54 0.04
N ILE B 364 -12.98 35.31 1.32
CA ILE B 364 -12.19 35.92 2.37
C ILE B 364 -10.74 35.47 2.26
N ARG B 365 -10.54 34.15 2.06
CA ARG B 365 -9.18 33.65 1.97
C ARG B 365 -8.50 34.25 0.76
N TYR B 366 -9.25 34.39 -0.35
CA TYR B 366 -8.67 34.98 -1.55
C TYR B 366 -8.20 36.39 -1.27
N GLU B 367 -9.06 37.22 -0.67
CA GLU B 367 -8.65 38.60 -0.48
C GLU B 367 -7.41 38.64 0.40
N ILE B 368 -7.40 37.81 1.45
CA ILE B 368 -6.27 37.89 2.37
C ILE B 368 -5.01 37.42 1.67
N GLU B 369 -5.10 36.33 0.89
CA GLU B 369 -3.91 35.86 0.20
C GLU B 369 -3.41 36.94 -0.75
N LYS B 370 -4.35 37.55 -1.49
CA LYS B 370 -3.96 38.59 -2.42
C LYS B 370 -3.23 39.70 -1.69
N GLY B 371 -3.74 40.09 -0.51
CA GLY B 371 -3.11 41.16 0.22
C GLY B 371 -1.74 40.76 0.75
N LEU B 372 -1.60 39.51 1.17
CA LEU B 372 -0.33 39.08 1.74
C LEU B 372 0.75 39.02 0.67
N ILE B 373 0.43 38.36 -0.46
CA ILE B 373 1.42 38.12 -1.49
C ILE B 373 1.76 39.40 -2.26
N ASP B 374 0.81 40.32 -2.40
CA ASP B 374 1.08 41.57 -3.08
C ASP B 374 1.55 42.68 -2.14
N GLY B 375 1.58 42.42 -0.84
CA GLY B 375 2.15 43.35 0.12
C GLY B 375 1.23 44.44 0.62
N SER B 376 -0.08 44.35 0.39
CA SER B 376 -1.00 45.31 0.96
C SER B 376 -1.47 44.94 2.35
N ILE B 377 -1.34 43.66 2.73
CA ILE B 377 -1.80 43.15 4.01
C ILE B 377 -0.60 42.50 4.71
N SER B 378 -0.41 42.81 5.99
CA SER B 378 0.66 42.26 6.80
C SER B 378 0.17 41.04 7.59
N THR B 379 1.10 40.14 7.89
CA THR B 379 0.79 39.09 8.84
C THR B 379 0.55 39.63 10.25
N LYS B 380 0.96 40.87 10.53
CA LYS B 380 0.74 41.45 11.85
C LYS B 380 -0.75 41.60 12.10
N ASP B 381 -1.21 41.01 13.21
CA ASP B 381 -2.62 41.01 13.60
C ASP B 381 -3.53 40.59 12.46
N LEU B 382 -3.08 39.60 11.68
CA LEU B 382 -3.92 39.01 10.65
C LEU B 382 -5.19 38.41 11.24
N ASN B 383 -5.18 38.04 12.53
CA ASN B 383 -6.40 37.53 13.14
C ASN B 383 -7.49 38.61 13.23
N LYS B 384 -7.12 39.85 13.52
CA LYS B 384 -8.10 40.94 13.48
C LYS B 384 -8.63 41.15 12.07
N THR B 385 -7.77 41.10 11.05
CA THR B 385 -8.20 41.26 9.67
C THR B 385 -9.19 40.15 9.27
N TRP B 386 -8.86 38.92 9.63
CA TRP B 386 -9.73 37.78 9.40
C TRP B 386 -11.09 37.99 10.06
N ASN B 387 -11.07 38.38 11.33
CA ASN B 387 -12.31 38.56 12.07
C ASN B 387 -13.17 39.67 11.46
N ASP B 388 -12.53 40.75 11.02
CA ASP B 388 -13.26 41.83 10.38
C ASP B 388 -13.91 41.36 9.09
N TYR B 389 -13.20 40.53 8.30
CA TYR B 389 -13.80 40.03 7.06
C TYR B 389 -15.01 39.14 7.36
N TYR B 390 -14.90 38.27 8.38
CA TYR B 390 -16.01 37.39 8.70
C TYR B 390 -17.22 38.19 9.19
N ARG B 391 -16.97 39.21 10.02
CA ARG B 391 -18.05 40.08 10.48
C ARG B 391 -18.70 40.77 9.29
N GLN B 392 -17.89 41.31 8.38
CA GLN B 392 -18.43 42.10 7.28
C GLN B 392 -19.27 41.25 6.33
N TYR B 393 -18.78 40.08 5.94
CA TYR B 393 -19.44 39.35 4.87
C TYR B 393 -20.38 38.24 5.32
N LEU B 394 -20.11 37.59 6.45
CA LEU B 394 -20.97 36.54 6.95
C LEU B 394 -21.72 36.95 8.22
N HIS B 395 -21.47 38.14 8.74
CA HIS B 395 -22.17 38.65 9.93
C HIS B 395 -22.09 37.66 11.08
N VAL B 396 -20.89 37.09 11.27
CA VAL B 396 -20.59 36.22 12.40
C VAL B 396 -19.40 36.80 13.15
N GLU B 397 -19.37 36.55 14.45
CA GLU B 397 -18.38 37.12 15.35
C GLU B 397 -17.41 36.01 15.72
N VAL B 398 -16.15 36.14 15.31
CA VAL B 398 -15.19 35.07 15.58
C VAL B 398 -14.82 35.09 17.07
N PRO B 399 -15.02 33.98 17.80
CA PRO B 399 -14.81 34.00 19.26
C PRO B 399 -13.38 33.73 19.67
N ASN B 400 -12.58 33.14 18.78
CA ASN B 400 -11.18 32.84 19.08
C ASN B 400 -10.46 32.45 17.81
N ASP B 401 -9.14 32.36 17.90
CA ASP B 401 -8.33 32.16 16.71
C ASP B 401 -8.46 30.75 16.14
N THR B 402 -8.71 29.76 16.98
CA THR B 402 -8.89 28.39 16.50
C THR B 402 -10.10 28.29 15.56
N GLN B 403 -11.18 29.02 15.88
CA GLN B 403 -12.34 29.10 15.00
C GLN B 403 -12.23 30.21 13.98
N GLY B 404 -11.09 30.90 13.95
CA GLY B 404 -10.87 31.97 13.00
C GLY B 404 -9.71 31.66 12.08
N VAL B 405 -8.67 32.51 12.14
CA VAL B 405 -7.56 32.43 11.20
C VAL B 405 -6.81 31.11 11.24
N LEU B 406 -6.86 30.37 12.34
CA LEU B 406 -6.12 29.13 12.47
C LEU B 406 -6.91 27.90 12.03
N GLN B 407 -8.10 28.08 11.44
CA GLN B 407 -8.94 26.91 11.19
C GLN B 407 -8.41 26.02 10.07
N ASP B 408 -7.75 26.59 9.06
CA ASP B 408 -7.34 25.83 7.89
C ASP B 408 -5.83 25.65 7.85
N ILE B 409 -5.40 24.48 7.38
CA ILE B 409 -3.99 24.09 7.36
C ILE B 409 -3.26 24.62 6.14
N HIS B 410 -3.98 25.16 5.15
CA HIS B 410 -3.40 25.38 3.83
C HIS B 410 -2.15 26.24 3.88
N TRP B 411 -2.21 27.35 4.60
CA TRP B 411 -1.07 28.28 4.61
C TRP B 411 0.15 27.64 5.27
N SER B 412 -0.05 26.85 6.32
CA SER B 412 1.06 26.14 6.95
C SER B 412 1.71 25.14 6.00
N HIS B 413 0.96 24.65 5.01
CA HIS B 413 1.50 23.80 3.95
C HIS B 413 2.18 24.60 2.84
N GLY B 414 2.13 25.93 2.91
CA GLY B 414 2.57 26.76 1.80
C GLY B 414 1.63 26.78 0.62
N SER B 415 0.39 26.33 0.80
CA SER B 415 -0.59 26.27 -0.29
C SER B 415 -1.30 27.61 -0.42
N PHE B 416 -0.69 28.54 -1.17
CA PHE B 416 -1.26 29.84 -1.48
C PHE B 416 -1.67 29.86 -2.94
N GLY B 417 -2.88 30.35 -3.23
CA GLY B 417 -3.44 30.29 -4.56
C GLY B 417 -4.35 29.11 -4.81
N TYR B 418 -4.54 28.26 -3.81
CA TYR B 418 -5.30 27.02 -3.89
C TYR B 418 -6.80 27.24 -3.62
N PHE B 419 -7.12 27.98 -2.57
CA PHE B 419 -8.53 28.18 -2.19
C PHE B 419 -9.46 28.59 -3.33
N PRO B 420 -9.11 29.52 -4.23
CA PRO B 420 -10.07 29.87 -5.29
C PRO B 420 -10.56 28.68 -6.10
N THR B 421 -9.72 27.65 -6.25
CA THR B 421 -10.13 26.50 -7.06
C THR B 421 -11.41 25.84 -6.53
N TYR B 422 -11.64 25.87 -5.21
CA TYR B 422 -12.85 25.25 -4.69
C TYR B 422 -14.09 25.93 -5.28
N SER B 423 -14.10 27.28 -5.25
CA SER B 423 -15.24 27.99 -5.81
C SER B 423 -15.32 27.81 -7.31
N LEU B 424 -14.16 27.80 -7.98
CA LEU B 424 -14.20 27.56 -9.42
C LEU B 424 -14.85 26.23 -9.70
N GLY B 425 -14.49 25.20 -8.92
CA GLY B 425 -15.10 23.90 -9.11
C GLY B 425 -16.60 23.97 -9.04
N SER B 426 -17.12 24.64 -8.00
CA SER B 426 -18.56 24.69 -7.81
C SER B 426 -19.23 25.41 -8.97
N PHE B 427 -18.60 26.49 -9.44
CA PHE B 427 -19.25 27.28 -10.46
C PHE B 427 -19.20 26.53 -11.78
N TYR B 428 -18.08 25.83 -12.04
CA TYR B 428 -18.01 25.00 -13.22
C TYR B 428 -19.07 23.92 -13.14
N ALA B 429 -19.26 23.35 -11.94
CA ALA B 429 -20.21 22.26 -11.83
C ALA B 429 -21.58 22.73 -12.25
N ALA B 430 -21.96 23.95 -11.85
CA ALA B 430 -23.30 24.42 -12.18
C ALA B 430 -23.41 24.65 -13.68
N GLN B 431 -22.38 25.25 -14.28
CA GLN B 431 -22.44 25.51 -15.70
C GLN B 431 -22.50 24.20 -16.47
N PHE B 432 -21.77 23.19 -15.99
CA PHE B 432 -21.76 21.93 -16.72
C PHE B 432 -23.10 21.24 -16.56
N PHE B 433 -23.67 21.24 -15.35
CA PHE B 433 -24.89 20.46 -15.17
C PHE B 433 -26.07 21.09 -15.88
N THR B 434 -26.20 22.41 -15.75
CA THR B 434 -27.23 23.10 -16.50
C THR B 434 -27.07 22.85 -18.00
N THR B 435 -25.82 22.81 -18.50
CA THR B 435 -25.64 22.54 -19.92
C THR B 435 -26.06 21.11 -20.25
N ALA B 436 -25.77 20.17 -19.34
CA ALA B 436 -26.19 18.79 -19.57
C ALA B 436 -27.71 18.72 -19.64
N GLN B 437 -28.40 19.50 -18.80
CA GLN B 437 -29.85 19.46 -18.82
C GLN B 437 -30.38 19.98 -20.14
N LYS B 438 -29.63 20.89 -20.77
CA LYS B 438 -30.02 21.42 -22.06
C LYS B 438 -29.67 20.46 -23.18
N GLN B 439 -28.62 19.64 -23.01
CA GLN B 439 -28.09 18.89 -24.13
C GLN B 439 -28.52 17.43 -24.15
N VAL B 440 -28.98 16.90 -23.02
CA VAL B 440 -29.36 15.50 -22.91
C VAL B 440 -30.88 15.45 -22.78
N PRO B 441 -31.59 14.95 -23.78
CA PRO B 441 -33.06 14.84 -23.65
C PRO B 441 -33.41 13.89 -22.52
N ASP B 442 -34.41 14.30 -21.73
CA ASP B 442 -34.94 13.53 -20.63
C ASP B 442 -33.97 13.33 -19.47
N LEU B 443 -32.90 14.14 -19.37
CA LEU B 443 -31.94 13.95 -18.28
C LEU B 443 -32.61 14.00 -16.92
N ASP B 444 -33.48 15.00 -16.70
CA ASP B 444 -34.11 15.13 -15.40
C ASP B 444 -34.99 13.93 -15.08
N VAL B 445 -35.75 13.45 -16.06
CA VAL B 445 -36.59 12.27 -15.86
C VAL B 445 -35.73 11.04 -15.58
N SER B 446 -34.63 10.88 -16.32
CA SER B 446 -33.71 9.79 -16.06
C SER B 446 -33.22 9.82 -14.61
N ILE B 447 -32.77 10.98 -14.15
CA ILE B 447 -32.28 11.09 -12.78
C ILE B 447 -33.39 10.78 -11.78
N ALA B 448 -34.59 11.33 -12.01
CA ALA B 448 -35.72 11.05 -11.12
C ALA B 448 -36.11 9.59 -11.11
N SER B 449 -35.73 8.82 -12.14
CA SER B 449 -36.03 7.39 -12.15
C SER B 449 -34.83 6.54 -11.73
N GLY B 450 -33.74 7.16 -11.27
CA GLY B 450 -32.60 6.42 -10.77
C GLY B 450 -31.58 6.00 -11.80
N ASN B 451 -31.67 6.50 -13.02
CA ASN B 451 -30.75 6.14 -14.09
C ASN B 451 -29.78 7.28 -14.29
N TYR B 452 -28.54 7.08 -13.82
CA TYR B 452 -27.47 8.07 -13.95
C TYR B 452 -26.57 7.79 -15.16
N GLN B 453 -26.86 6.74 -15.93
CA GLN B 453 -26.08 6.47 -17.13
C GLN B 453 -26.09 7.60 -18.15
N PRO B 454 -27.20 8.25 -18.47
CA PRO B 454 -27.13 9.35 -19.45
C PRO B 454 -26.23 10.50 -18.99
N LEU B 455 -26.26 10.83 -17.70
CA LEU B 455 -25.35 11.84 -17.17
C LEU B 455 -23.90 11.41 -17.30
N LEU B 456 -23.59 10.17 -16.88
CA LEU B 456 -22.22 9.68 -16.95
C LEU B 456 -21.74 9.67 -18.39
N GLU B 457 -22.59 9.23 -19.30
CA GLU B 457 -22.24 9.21 -20.73
C GLU B 457 -21.92 10.61 -21.22
N TRP B 458 -22.73 11.60 -20.85
CA TRP B 458 -22.43 12.97 -21.23
C TRP B 458 -21.06 13.41 -20.68
N LEU B 459 -20.77 13.06 -19.43
CA LEU B 459 -19.48 13.44 -18.86
C LEU B 459 -18.33 12.73 -19.56
N ARG B 460 -18.54 11.48 -19.95
CA ARG B 460 -17.51 10.68 -20.58
C ARG B 460 -17.28 11.11 -22.01
N ASN B 461 -18.28 11.70 -22.64
CA ASN B 461 -18.08 12.23 -23.99
C ASN B 461 -17.53 13.65 -23.97
N ASN B 462 -17.82 14.44 -22.93
CA ASN B 462 -17.45 15.85 -22.96
C ASN B 462 -16.27 16.25 -22.10
N ILE B 463 -15.95 15.50 -21.05
CA ILE B 463 -14.94 15.94 -20.09
C ILE B 463 -13.86 14.90 -19.84
N HIS B 464 -14.27 13.69 -19.46
CA HIS B 464 -13.32 12.72 -18.90
C HIS B 464 -12.16 12.33 -19.81
N PRO B 465 -12.34 12.03 -21.10
CA PRO B 465 -11.24 11.40 -21.86
C PRO B 465 -10.19 12.36 -22.38
N PHE B 466 -10.34 13.65 -22.15
CA PHE B 466 -9.46 14.64 -22.77
C PHE B 466 -8.23 14.96 -21.95
N GLY B 467 -8.20 14.60 -20.68
CA GLY B 467 -7.04 14.92 -19.88
C GLY B 467 -6.82 16.42 -19.83
N ARG B 468 -5.57 16.84 -20.00
CA ARG B 468 -5.18 18.25 -20.01
C ARG B 468 -5.22 18.89 -21.40
N PHE B 469 -5.81 18.23 -22.39
CA PHE B 469 -5.76 18.76 -23.75
C PHE B 469 -6.31 20.18 -23.82
N TYR B 470 -7.40 20.46 -23.11
CA TYR B 470 -8.00 21.79 -23.09
C TYR B 470 -7.75 22.42 -21.73
N THR B 471 -7.53 23.73 -21.72
CA THR B 471 -7.56 24.44 -20.46
C THR B 471 -8.98 24.38 -19.88
N SER B 472 -9.11 24.76 -18.61
CA SER B 472 -10.43 24.84 -17.99
C SER B 472 -11.39 25.66 -18.84
N ASN B 473 -10.99 26.86 -19.25
N ASN B 473 -10.95 26.86 -19.24
CA ASN B 473 -11.92 27.67 -20.01
CA ASN B 473 -11.77 27.75 -20.04
C ASN B 473 -12.08 27.17 -21.45
C ASN B 473 -12.05 27.18 -21.41
N GLU B 474 -11.03 26.61 -22.07
CA GLU B 474 -11.22 26.02 -23.39
C GLU B 474 -12.26 24.90 -23.32
N LEU B 475 -12.16 24.04 -22.30
CA LEU B 475 -13.12 22.96 -22.12
C LEU B 475 -14.53 23.50 -21.92
N CYS B 476 -14.68 24.47 -21.03
CA CYS B 476 -16.00 25.02 -20.76
C CYS B 476 -16.61 25.66 -22.00
N GLN B 477 -15.80 26.38 -22.79
CA GLN B 477 -16.29 26.98 -24.03
C GLN B 477 -16.72 25.92 -25.04
N LYS B 478 -15.90 24.89 -25.22
CA LYS B 478 -16.26 23.83 -26.17
C LYS B 478 -17.56 23.15 -25.77
N ILE B 479 -17.75 22.88 -24.47
CA ILE B 479 -18.92 22.13 -24.04
C ILE B 479 -20.16 23.00 -24.02
N THR B 480 -20.04 24.18 -23.44
CA THR B 480 -21.22 24.98 -23.09
C THR B 480 -21.41 26.20 -23.99
N GLY B 481 -20.45 26.51 -24.84
CA GLY B 481 -20.55 27.66 -25.70
C GLY B 481 -19.96 28.93 -25.13
N ASN B 482 -19.69 28.98 -23.83
CA ASN B 482 -19.18 30.18 -23.17
C ASN B 482 -18.15 29.83 -22.12
N PRO B 483 -17.25 30.77 -21.80
CA PRO B 483 -16.35 30.57 -20.67
C PRO B 483 -17.13 30.57 -19.37
N LEU B 484 -16.46 30.33 -18.26
CA LEU B 484 -17.15 30.26 -16.97
C LEU B 484 -17.94 31.53 -16.69
N GLN B 485 -19.22 31.36 -16.36
CA GLN B 485 -20.07 32.46 -15.90
C GLN B 485 -20.66 32.05 -14.56
N PHE B 486 -20.42 32.87 -13.54
CA PHE B 486 -21.01 32.68 -12.22
C PHE B 486 -22.54 32.70 -12.25
N SER B 487 -23.13 33.27 -13.30
CA SER B 487 -24.57 33.32 -13.41
C SER B 487 -25.19 31.93 -13.40
N TYR B 488 -24.47 30.93 -13.92
CA TYR B 488 -25.02 29.56 -13.88
C TYR B 488 -25.20 29.10 -12.44
N PHE B 489 -24.21 29.32 -11.59
CA PHE B 489 -24.35 28.98 -10.18
C PHE B 489 -25.46 29.79 -9.54
N LEU B 490 -25.54 31.09 -9.87
CA LEU B 490 -26.56 31.93 -9.24
C LEU B 490 -27.96 31.46 -9.62
N ASP B 491 -28.17 31.11 -10.89
CA ASP B 491 -29.45 30.63 -11.37
C ASP B 491 -29.80 29.27 -10.76
N TYR B 492 -28.81 28.38 -10.66
CA TYR B 492 -29.05 27.09 -10.01
C TYR B 492 -29.44 27.26 -8.55
N ALA B 493 -28.75 28.16 -7.85
CA ALA B 493 -29.04 28.39 -6.43
C ALA B 493 -30.41 29.03 -6.26
N ALA B 494 -30.73 30.05 -7.08
CA ALA B 494 -32.04 30.69 -6.99
C ALA B 494 -33.15 29.71 -7.32
N GLY B 495 -32.93 28.84 -8.33
CA GLY B 495 -33.93 27.84 -8.64
C GLY B 495 -34.20 26.89 -7.50
N LYS B 496 -33.14 26.40 -6.84
CA LYS B 496 -33.35 25.46 -5.75
C LYS B 496 -33.98 26.15 -4.54
N PHE B 497 -33.50 27.34 -4.17
CA PHE B 497 -33.93 27.92 -2.90
C PHE B 497 -35.15 28.82 -3.01
N LEU B 498 -35.36 29.50 -4.14
CA LEU B 498 -36.45 30.47 -4.28
C LEU B 498 -37.59 29.99 -5.16
N ARG B 499 -37.44 28.86 -5.85
CA ARG B 499 -38.46 28.41 -6.82
C ARG B 499 -38.93 26.99 -6.54
C1 GOL C . 10.48 -19.23 -4.29
O1 GOL C . 10.56 -19.44 -5.67
C2 GOL C . 8.99 -19.40 -3.92
O2 GOL C . 8.21 -18.39 -4.48
C3 GOL C . 8.95 -19.37 -2.37
O3 GOL C . 7.61 -19.61 -2.01
C1 GOL D . -8.95 -17.06 23.74
O1 GOL D . -10.20 -16.43 23.56
C2 GOL D . -7.88 -16.12 23.12
O2 GOL D . -7.66 -14.98 23.89
C3 GOL D . -6.59 -16.99 22.97
O3 GOL D . -6.02 -17.19 24.24
C1 GOL E . 34.78 -22.79 -9.86
O1 GOL E . 35.03 -22.52 -8.52
C2 GOL E . 35.32 -24.22 -10.11
O2 GOL E . 35.13 -25.04 -9.00
C3 GOL E . 34.53 -24.71 -11.35
O3 GOL E . 34.93 -26.03 -11.55
C1 PEG F . 27.42 -6.98 17.49
O1 PEG F . 27.78 -7.81 18.57
C2 PEG F . 25.92 -7.00 17.26
O2 PEG F . 25.26 -6.60 18.43
C3 PEG F . 24.13 -5.82 18.21
C4 PEG F . 23.00 -6.28 19.14
O4 PEG F . 23.40 -6.09 20.47
C1 CIT G . -5.76 -5.83 12.58
O1 CIT G . -6.35 -6.10 11.52
O2 CIT G . -4.51 -5.84 12.61
C2 CIT G . -6.55 -5.49 13.82
C1 GOL H . -30.77 1.69 -1.13
O1 GOL H . -30.67 0.54 -0.32
C2 GOL H . -29.50 1.71 -2.02
O2 GOL H . -29.51 0.76 -3.02
C3 GOL H . -29.41 3.15 -2.56
O3 GOL H . -30.32 3.29 -3.62
C1 GOL I . -26.17 19.27 5.59
O1 GOL I . -27.16 18.31 5.82
C2 GOL I . -26.81 20.36 4.69
O2 GOL I . -27.95 20.94 5.27
C3 GOL I . -25.71 21.40 4.46
O3 GOL I . -26.33 22.44 3.77
C1 GOL J . -20.56 22.83 -1.26
O1 GOL J . -19.86 24.04 -1.23
C2 GOL J . -21.19 22.59 0.12
O2 GOL J . -20.34 22.81 1.20
C3 GOL J . -21.81 21.17 0.07
O3 GOL J . -22.96 21.25 0.85
C3 CIT K . -4.47 21.19 2.03
O7 CIT K . -3.95 19.93 2.50
C6 CIT K . -3.49 21.75 1.01
O5 CIT K . -3.70 21.57 -0.21
O6 CIT K . -2.48 22.38 1.37
#